data_8HLV
#
_entry.id   8HLV
#
_cell.length_a   1.00
_cell.length_b   1.00
_cell.length_c   1.00
_cell.angle_alpha   90.00
_cell.angle_beta   90.00
_cell.angle_gamma   90.00
#
_symmetry.space_group_name_H-M   'P 1'
#
loop_
_entity.id
_entity.type
_entity.pdbx_description
1 polymer 'Siphonaxanthin chlorophyll a/b binding light-harvesting complex II, Bry-Lhcb1'
2 non-polymer Siphonein
3 non-polymer Siphonaxanthin
4 non-polymer (1R,3R)-6-{(3E,5E,7E,9E,11E,13E,15E,17E)-18-[(1S,4R,6R)-4-HYDROXY-2,2,6-TRIMETHYL-7-OXABICYCLO[4.1.0]HEPT-1-YL]-3,7,12,16-TETRAMETHYLOCTADECA-1,3,5,7,9,11,13,15,17-NONAENYLIDENE}-1,5,5-TRIMETHYLCYCLOHEXANE-1,3-DIOL
5 non-polymer 'CHLOROPHYLL B'
6 non-polymer 'CHLOROPHYLL A'
7 non-polymer 1,2-DIPALMITOYL-PHOSPHATIDYL-GLYCEROLE
#
_entity_poly.entity_id   1
_entity_poly.type   'polypeptide(L)'
_entity_poly.pdbx_seq_one_letter_code
;MASAMIAQTVVGAQAARATKQVTRAAVEFYGPDRALWLGPYSEGAVPSYLTGEFPGDYGWDSAGLSADPETFAANRELEL
IHARWAMLGTVGCLTPEALEKYGGVEFGEAVWFKAGSQIFAEGGLDYLGNPSLVHAQSILAICWTQVVLMGLAEGYRCSG
GPLGEATDPLYPGEAFDPMGMADDPETFAELKTKEIKNGRLAMFAMFGFFVQSLQTGKGPVECWAEHIADPVANNGFVYA
TKFFGAQIF
;
_entity_poly.pdbx_strand_id   A,B,C
#
# COMPACT_ATOMS: atom_id res chain seq x y z
N VAL A 27 -26.75 24.16 4.51
CA VAL A 27 -26.23 25.53 4.51
C VAL A 27 -24.84 25.54 5.14
N GLU A 28 -24.54 24.54 5.95
CA GLU A 28 -23.26 24.44 6.61
C GLU A 28 -22.45 23.21 6.20
N PHE A 29 -23.11 22.15 5.74
CA PHE A 29 -22.42 20.95 5.28
C PHE A 29 -22.73 20.62 3.83
N TYR A 30 -23.50 21.44 3.13
CA TYR A 30 -23.76 21.27 1.71
C TYR A 30 -23.65 22.63 1.04
N GLY A 31 -23.34 22.61 -0.26
CA GLY A 31 -23.30 23.82 -1.04
C GLY A 31 -21.95 24.52 -1.01
N PRO A 32 -21.88 25.69 -1.65
CA PRO A 32 -20.60 26.41 -1.70
C PRO A 32 -20.12 26.93 -0.35
N ASP A 33 -21.04 27.27 0.55
CA ASP A 33 -20.69 27.85 1.85
C ASP A 33 -20.56 26.79 2.94
N ARG A 34 -20.20 25.57 2.58
CA ARG A 34 -20.16 24.48 3.54
C ARG A 34 -18.89 24.55 4.38
N ALA A 35 -18.73 23.56 5.25
CA ALA A 35 -17.54 23.45 6.08
C ALA A 35 -16.47 22.65 5.35
N LEU A 36 -15.23 23.12 5.43
CA LEU A 36 -14.12 22.56 4.68
C LEU A 36 -13.06 22.01 5.63
N TRP A 37 -12.18 21.16 5.08
CA TRP A 37 -11.30 20.36 5.91
C TRP A 37 -10.19 21.19 6.55
N LEU A 38 -9.72 22.24 5.88
CA LEU A 38 -8.66 23.08 6.42
C LEU A 38 -9.19 24.33 7.11
N GLY A 39 -10.51 24.41 7.33
CA GLY A 39 -11.10 25.53 8.02
C GLY A 39 -10.93 26.83 7.27
N PRO A 40 -10.48 27.88 7.97
CA PRO A 40 -10.31 29.18 7.31
C PRO A 40 -9.24 29.17 6.23
N TYR A 41 -8.34 28.19 6.23
CA TYR A 41 -7.28 28.10 5.24
C TYR A 41 -7.61 27.13 4.12
N SER A 42 -8.89 27.05 3.74
CA SER A 42 -9.32 26.10 2.72
C SER A 42 -9.49 26.72 1.35
N GLU A 43 -9.54 28.03 1.25
CA GLU A 43 -9.67 28.69 -0.06
C GLU A 43 -8.47 28.36 -0.92
N GLY A 44 -8.68 27.55 -1.97
CA GLY A 44 -7.59 27.09 -2.80
C GLY A 44 -7.11 25.70 -2.46
N ALA A 45 -7.66 25.06 -1.44
CA ALA A 45 -7.34 23.67 -1.11
C ALA A 45 -8.49 22.73 -1.44
N VAL A 46 -9.52 23.22 -2.11
CA VAL A 46 -10.73 22.46 -2.42
C VAL A 46 -10.75 22.18 -3.92
N PRO A 47 -10.74 20.92 -4.35
CA PRO A 47 -10.81 20.63 -5.78
C PRO A 47 -12.14 21.11 -6.36
N SER A 48 -12.10 21.51 -7.63
CA SER A 48 -13.28 22.07 -8.27
C SER A 48 -14.39 21.04 -8.47
N TYR A 49 -14.06 19.75 -8.48
CA TYR A 49 -15.06 18.72 -8.66
C TYR A 49 -15.76 18.32 -7.37
N LEU A 50 -15.30 18.82 -6.22
CA LEU A 50 -15.98 18.61 -4.95
C LEU A 50 -16.83 19.85 -4.69
N THR A 51 -18.06 19.82 -5.19
CA THR A 51 -18.95 20.97 -5.13
C THR A 51 -19.91 20.92 -3.96
N GLY A 52 -19.65 20.07 -2.98
CA GLY A 52 -20.52 19.97 -1.82
C GLY A 52 -21.91 19.44 -2.11
N GLU A 53 -22.00 18.41 -2.95
CA GLU A 53 -23.27 17.78 -3.28
C GLU A 53 -23.55 16.53 -2.46
N PHE A 54 -22.53 15.77 -2.14
CA PHE A 54 -22.65 14.51 -1.45
C PHE A 54 -22.30 14.65 0.02
N PRO A 55 -22.81 13.75 0.88
CA PRO A 55 -22.58 13.90 2.32
C PRO A 55 -21.10 13.84 2.68
N GLY A 56 -20.74 14.58 3.72
CA GLY A 56 -19.37 14.60 4.19
C GLY A 56 -18.39 15.24 3.22
N ASP A 57 -18.81 16.28 2.53
CA ASP A 57 -17.96 16.95 1.54
C ASP A 57 -17.24 18.10 2.25
N TYR A 58 -16.04 17.81 2.73
CA TYR A 58 -15.15 18.84 3.28
C TYR A 58 -14.09 19.26 2.27
N GLY A 59 -14.22 18.86 1.01
CA GLY A 59 -13.28 19.26 -0.01
C GLY A 59 -11.87 18.75 0.17
N TRP A 60 -11.72 17.54 0.70
CA TRP A 60 -10.41 16.96 0.96
C TRP A 60 -10.14 15.88 -0.08
N ASP A 61 -9.54 16.29 -1.20
CA ASP A 61 -9.06 15.35 -2.21
C ASP A 61 -7.68 15.81 -2.69
N SER A 62 -6.78 16.07 -1.74
CA SER A 62 -5.45 16.58 -2.08
C SER A 62 -4.70 15.63 -3.00
N ALA A 63 -4.99 14.33 -2.93
CA ALA A 63 -4.33 13.36 -3.79
C ALA A 63 -5.01 13.20 -5.14
N GLY A 64 -6.17 13.82 -5.34
CA GLY A 64 -6.86 13.74 -6.62
C GLY A 64 -7.31 12.34 -6.99
N LEU A 65 -7.73 11.56 -6.00
CA LEU A 65 -8.17 10.18 -6.23
C LEU A 65 -9.63 10.09 -6.64
N SER A 66 -10.38 11.19 -6.62
CA SER A 66 -11.80 11.18 -6.96
C SER A 66 -12.11 12.20 -8.05
N ALA A 67 -11.14 12.48 -8.92
CA ALA A 67 -11.38 13.45 -9.98
C ALA A 67 -12.31 12.89 -11.06
N ASP A 68 -12.30 11.59 -11.26
CA ASP A 68 -13.26 10.96 -12.16
C ASP A 68 -14.58 10.78 -11.44
N PRO A 69 -15.70 11.25 -12.01
CA PRO A 69 -16.99 11.10 -11.30
C PRO A 69 -17.35 9.66 -10.98
N GLU A 70 -17.05 8.72 -11.87
CA GLU A 70 -17.34 7.32 -11.58
C GLU A 70 -16.43 6.78 -10.49
N THR A 71 -15.14 7.12 -10.55
CA THR A 71 -14.24 6.79 -9.46
C THR A 71 -14.66 7.48 -8.17
N PHE A 72 -15.20 8.70 -8.28
CA PHE A 72 -15.73 9.37 -7.10
C PHE A 72 -16.88 8.61 -6.48
N ALA A 73 -17.81 8.11 -7.30
CA ALA A 73 -18.93 7.33 -6.79
C ALA A 73 -18.45 6.03 -6.16
N ALA A 74 -17.49 5.36 -6.81
CA ALA A 74 -16.94 4.14 -6.23
C ALA A 74 -16.27 4.41 -4.90
N ASN A 75 -15.53 5.51 -4.81
CA ASN A 75 -14.88 5.88 -3.55
C ASN A 75 -15.90 6.23 -2.48
N ARG A 76 -17.01 6.88 -2.86
CA ARG A 76 -18.05 7.18 -1.88
C ARG A 76 -18.66 5.89 -1.34
N GLU A 77 -18.95 4.94 -2.22
CA GLU A 77 -19.49 3.66 -1.76
C GLU A 77 -18.50 2.94 -0.85
N LEU A 78 -17.22 2.91 -1.25
CA LEU A 78 -16.20 2.27 -0.43
C LEU A 78 -16.09 2.95 0.94
N GLU A 79 -16.10 4.28 0.96
CA GLU A 79 -15.99 5.00 2.21
C GLU A 79 -17.17 4.72 3.12
N LEU A 80 -18.38 4.71 2.57
CA LEU A 80 -19.54 4.50 3.43
C LEU A 80 -19.59 3.07 3.96
N ILE A 81 -19.21 2.09 3.14
CA ILE A 81 -19.22 0.71 3.61
C ILE A 81 -18.13 0.49 4.65
N HIS A 82 -16.90 0.95 4.37
CA HIS A 82 -15.84 0.91 5.37
C HIS A 82 -16.28 1.59 6.65
N ALA A 83 -17.02 2.70 6.53
CA ALA A 83 -17.40 3.48 7.70
C ALA A 83 -18.45 2.74 8.54
N ARG A 84 -19.47 2.18 7.89
CA ARG A 84 -20.47 1.42 8.63
C ARG A 84 -19.85 0.20 9.30
N TRP A 85 -18.95 -0.48 8.60
CA TRP A 85 -18.26 -1.61 9.22
C TRP A 85 -17.44 -1.17 10.42
N ALA A 86 -16.76 -0.01 10.31
CA ALA A 86 -15.98 0.48 11.44
C ALA A 86 -16.85 0.92 12.59
N MET A 87 -18.04 1.46 12.30
CA MET A 87 -18.94 1.86 13.39
C MET A 87 -19.45 0.64 14.13
N LEU A 88 -19.75 -0.44 13.42
CA LEU A 88 -20.04 -1.70 14.10
C LEU A 88 -18.82 -2.19 14.87
N GLY A 89 -17.63 -2.03 14.30
CA GLY A 89 -16.42 -2.53 14.92
C GLY A 89 -16.03 -1.83 16.20
N THR A 90 -16.29 -0.53 16.30
CA THR A 90 -15.97 0.19 17.53
C THR A 90 -16.70 -0.44 18.70
N VAL A 91 -18.01 -0.60 18.57
CA VAL A 91 -18.80 -1.21 19.63
C VAL A 91 -18.40 -2.67 19.82
N GLY A 92 -18.14 -3.39 18.73
CA GLY A 92 -17.77 -4.78 18.86
C GLY A 92 -16.46 -5.00 19.57
N CYS A 93 -15.51 -4.09 19.42
CA CYS A 93 -14.22 -4.21 20.08
C CYS A 93 -14.25 -3.66 21.49
N LEU A 94 -15.11 -2.68 21.77
CA LEU A 94 -15.14 -2.10 23.10
C LEU A 94 -16.05 -2.88 24.06
N THR A 95 -17.13 -3.47 23.56
CA THR A 95 -18.13 -4.05 24.46
C THR A 95 -17.61 -5.22 25.29
N PRO A 96 -16.98 -6.25 24.72
CA PRO A 96 -16.53 -7.36 25.58
C PRO A 96 -15.48 -6.94 26.59
N GLU A 97 -14.51 -6.11 26.18
CA GLU A 97 -13.47 -5.70 27.10
C GLU A 97 -14.02 -4.80 28.20
N ALA A 98 -14.91 -3.87 27.85
CA ALA A 98 -15.53 -3.01 28.86
C ALA A 98 -16.39 -3.83 29.82
N LEU A 99 -17.12 -4.81 29.29
CA LEU A 99 -17.92 -5.68 30.14
C LEU A 99 -17.05 -6.47 31.09
N GLU A 100 -15.91 -6.98 30.62
CA GLU A 100 -15.02 -7.72 31.51
C GLU A 100 -14.41 -6.82 32.57
N LYS A 101 -14.00 -5.61 32.18
CA LYS A 101 -13.29 -4.75 33.11
C LYS A 101 -14.22 -4.11 34.14
N TYR A 102 -15.41 -3.68 33.73
CA TYR A 102 -16.30 -2.94 34.60
C TYR A 102 -17.64 -3.62 34.86
N GLY A 103 -17.91 -4.76 34.23
CA GLY A 103 -19.19 -5.42 34.43
C GLY A 103 -19.06 -6.77 35.11
N GLY A 104 -17.86 -7.33 35.12
CA GLY A 104 -17.61 -8.59 35.77
C GLY A 104 -17.83 -9.82 34.90
N VAL A 105 -18.23 -9.66 33.65
CA VAL A 105 -18.42 -10.80 32.77
C VAL A 105 -17.08 -11.42 32.46
N GLU A 106 -17.00 -12.75 32.57
CA GLU A 106 -15.74 -13.48 32.41
C GLU A 106 -15.69 -14.08 31.02
N PHE A 107 -15.16 -13.31 30.07
CA PHE A 107 -14.94 -13.81 28.72
C PHE A 107 -13.68 -14.67 28.65
N GLY A 108 -13.61 -15.51 27.63
CA GLY A 108 -12.39 -16.23 27.37
C GLY A 108 -11.25 -15.31 26.99
N GLU A 109 -11.52 -14.38 26.07
CA GLU A 109 -10.57 -13.35 25.67
C GLU A 109 -11.37 -12.08 25.40
N ALA A 110 -11.33 -11.14 26.35
CA ALA A 110 -12.16 -9.94 26.23
C ALA A 110 -11.63 -8.99 25.17
N VAL A 111 -10.30 -8.81 25.11
CA VAL A 111 -9.74 -7.86 24.16
C VAL A 111 -10.05 -8.32 22.74
N TRP A 112 -10.20 -7.35 21.84
CA TRP A 112 -10.71 -7.67 20.51
C TRP A 112 -9.68 -8.43 19.67
N PHE A 113 -8.41 -8.09 19.81
CA PHE A 113 -7.40 -8.72 18.95
C PHE A 113 -7.03 -10.12 19.41
N LYS A 114 -7.45 -10.54 20.60
CA LYS A 114 -7.30 -11.93 21.03
C LYS A 114 -8.62 -12.69 21.01
N ALA A 115 -9.71 -12.05 20.60
CA ALA A 115 -11.02 -12.70 20.64
C ALA A 115 -11.12 -13.85 19.65
N GLY A 116 -10.44 -13.73 18.50
CA GLY A 116 -10.48 -14.80 17.52
C GLY A 116 -9.87 -16.10 18.03
N SER A 117 -8.83 -15.99 18.86
CA SER A 117 -8.13 -17.16 19.36
C SER A 117 -8.96 -17.96 20.36
N GLN A 118 -10.11 -17.46 20.78
CA GLN A 118 -10.96 -18.21 21.70
C GLN A 118 -11.40 -19.54 21.11
N ILE A 119 -11.55 -19.60 19.78
CA ILE A 119 -12.05 -20.82 19.15
C ILE A 119 -11.07 -21.97 19.33
N PHE A 120 -9.78 -21.68 19.48
CA PHE A 120 -8.76 -22.70 19.68
C PHE A 120 -8.59 -23.08 21.13
N ALA A 121 -9.19 -22.35 22.06
CA ALA A 121 -9.05 -22.65 23.47
C ALA A 121 -9.89 -23.87 23.85
N GLU A 122 -9.57 -24.46 24.99
CA GLU A 122 -10.34 -25.58 25.49
C GLU A 122 -11.72 -25.11 25.91
N GLY A 123 -12.75 -25.85 25.50
CA GLY A 123 -14.11 -25.46 25.74
C GLY A 123 -14.72 -24.59 24.67
N GLY A 124 -13.94 -24.17 23.68
CA GLY A 124 -14.48 -23.43 22.55
C GLY A 124 -14.76 -21.97 22.88
N LEU A 125 -15.60 -21.38 22.03
CA LEU A 125 -15.95 -19.96 22.12
C LEU A 125 -17.35 -19.84 22.69
N ASP A 126 -17.44 -19.60 23.99
CA ASP A 126 -18.72 -19.37 24.64
C ASP A 126 -19.09 -17.89 24.56
N TYR A 127 -20.35 -17.61 24.28
CA TYR A 127 -20.81 -16.24 24.20
C TYR A 127 -21.08 -15.69 25.59
N LEU A 128 -20.52 -14.52 25.89
CA LEU A 128 -20.61 -13.89 27.21
C LEU A 128 -20.01 -14.77 28.30
N GLY A 129 -19.13 -15.70 27.94
CA GLY A 129 -18.56 -16.62 28.90
C GLY A 129 -19.50 -17.71 29.36
N ASN A 130 -20.73 -17.76 28.85
CA ASN A 130 -21.69 -18.76 29.28
C ASN A 130 -21.56 -20.00 28.41
N PRO A 131 -21.28 -21.17 28.99
CA PRO A 131 -21.09 -22.38 28.18
C PRO A 131 -22.35 -22.89 27.50
N SER A 132 -23.51 -22.28 27.75
CA SER A 132 -24.75 -22.69 27.12
C SER A 132 -25.20 -21.73 26.02
N LEU A 133 -24.35 -20.79 25.61
CA LEU A 133 -24.64 -19.86 24.54
C LEU A 133 -23.64 -20.06 23.42
N VAL A 134 -24.14 -20.29 22.20
CA VAL A 134 -23.33 -20.49 21.01
C VAL A 134 -22.45 -21.72 21.18
N HIS A 135 -21.46 -21.63 22.07
CA HIS A 135 -20.57 -22.75 22.41
C HIS A 135 -19.89 -23.31 21.17
N ALA A 136 -19.37 -22.40 20.33
CA ALA A 136 -18.71 -22.82 19.10
C ALA A 136 -17.45 -23.60 19.39
N GLN A 137 -17.20 -24.61 18.57
CA GLN A 137 -16.02 -25.48 18.74
C GLN A 137 -15.19 -25.66 17.48
N SER A 138 -15.72 -25.39 16.30
CA SER A 138 -15.00 -25.59 15.04
C SER A 138 -14.84 -24.26 14.34
N ILE A 139 -13.59 -23.93 14.00
CA ILE A 139 -13.34 -22.68 13.29
C ILE A 139 -13.72 -22.81 11.82
N LEU A 140 -13.60 -24.02 11.25
CA LEU A 140 -13.98 -24.22 9.85
C LEU A 140 -15.48 -23.98 9.65
N ALA A 141 -16.30 -24.49 10.57
CA ALA A 141 -17.74 -24.28 10.47
C ALA A 141 -18.09 -22.80 10.54
N ILE A 142 -17.48 -22.08 11.48
CA ILE A 142 -17.72 -20.64 11.59
C ILE A 142 -17.31 -19.95 10.30
N CYS A 143 -16.11 -20.25 9.80
CA CYS A 143 -15.59 -19.56 8.64
C CYS A 143 -16.48 -19.79 7.43
N TRP A 144 -16.87 -21.04 7.17
CA TRP A 144 -17.63 -21.32 5.96
C TRP A 144 -19.08 -20.88 6.07
N THR A 145 -19.68 -20.98 7.26
CA THR A 145 -21.02 -20.41 7.44
C THR A 145 -21.00 -18.93 7.19
N GLN A 146 -19.99 -18.22 7.71
CA GLN A 146 -19.86 -16.80 7.44
C GLN A 146 -19.64 -16.54 5.96
N VAL A 147 -18.84 -17.37 5.30
CA VAL A 147 -18.59 -17.17 3.88
C VAL A 147 -19.89 -17.23 3.10
N VAL A 148 -20.70 -18.27 3.35
CA VAL A 148 -21.96 -18.41 2.63
C VAL A 148 -22.90 -17.26 2.95
N LEU A 149 -23.09 -16.97 4.23
CA LEU A 149 -24.07 -15.96 4.63
C LEU A 149 -23.67 -14.57 4.13
N MET A 150 -22.41 -14.21 4.29
CA MET A 150 -21.94 -12.89 3.86
C MET A 150 -21.88 -12.80 2.34
N GLY A 151 -21.59 -13.90 1.64
CA GLY A 151 -21.65 -13.87 0.20
C GLY A 151 -23.04 -13.58 -0.31
N LEU A 152 -24.04 -14.26 0.26
CA LEU A 152 -25.41 -13.98 -0.11
C LEU A 152 -25.79 -12.54 0.27
N ALA A 153 -25.37 -12.09 1.45
CA ALA A 153 -25.73 -10.75 1.91
C ALA A 153 -25.13 -9.67 1.01
N GLU A 154 -23.87 -9.82 0.62
CA GLU A 154 -23.24 -8.82 -0.24
C GLU A 154 -23.75 -8.91 -1.68
N GLY A 155 -24.11 -10.10 -2.15
CA GLY A 155 -24.79 -10.19 -3.43
C GLY A 155 -26.12 -9.46 -3.41
N TYR A 156 -26.87 -9.58 -2.32
CA TYR A 156 -28.10 -8.82 -2.17
C TYR A 156 -27.80 -7.32 -2.08
N ARG A 157 -26.72 -6.94 -1.41
CA ARG A 157 -26.38 -5.51 -1.31
C ARG A 157 -26.14 -4.97 -2.72
N CYS A 158 -25.43 -5.71 -3.55
CA CYS A 158 -25.10 -5.21 -4.88
C CYS A 158 -26.29 -5.26 -5.83
N SER A 159 -27.11 -6.31 -5.76
CA SER A 159 -28.12 -6.54 -6.78
C SER A 159 -29.54 -6.67 -6.27
N GLY A 160 -29.76 -6.62 -4.96
CA GLY A 160 -31.08 -6.82 -4.41
C GLY A 160 -31.38 -8.29 -4.15
N GLY A 161 -32.32 -8.52 -3.26
CA GLY A 161 -32.66 -9.86 -2.86
C GLY A 161 -33.97 -9.95 -2.12
N PRO A 162 -34.03 -10.79 -1.08
CA PRO A 162 -35.28 -10.99 -0.34
C PRO A 162 -35.81 -9.72 0.31
N LEU A 163 -34.93 -8.84 0.78
CA LEU A 163 -35.35 -7.66 1.52
C LEU A 163 -35.67 -6.48 0.62
N GLY A 164 -35.48 -6.60 -0.68
CA GLY A 164 -35.81 -5.52 -1.59
C GLY A 164 -34.85 -5.50 -2.76
N GLU A 165 -34.90 -4.39 -3.49
CA GLU A 165 -34.06 -4.17 -4.66
C GLU A 165 -33.04 -3.10 -4.37
N ALA A 166 -31.82 -3.28 -4.87
CA ALA A 166 -30.75 -2.33 -4.63
C ALA A 166 -30.94 -1.07 -5.45
N THR A 167 -31.96 -0.27 -5.10
CA THR A 167 -32.21 0.97 -5.83
C THR A 167 -31.05 1.95 -5.66
N ASP A 168 -30.51 2.04 -4.45
CA ASP A 168 -29.37 2.88 -4.17
C ASP A 168 -28.24 2.04 -3.58
N PRO A 169 -27.01 2.18 -4.07
CA PRO A 169 -25.92 1.35 -3.54
C PRO A 169 -25.63 1.58 -2.07
N LEU A 170 -26.01 2.72 -1.51
CA LEU A 170 -25.69 3.06 -0.14
C LEU A 170 -26.90 3.31 0.75
N TYR A 171 -28.01 3.78 0.18
CA TYR A 171 -29.20 4.13 0.95
C TYR A 171 -30.41 3.46 0.33
N PRO A 172 -30.49 2.14 0.42
CA PRO A 172 -31.65 1.44 -0.16
C PRO A 172 -32.98 1.82 0.47
N GLY A 173 -33.00 2.10 1.76
CA GLY A 173 -34.25 2.46 2.40
C GLY A 173 -35.22 1.29 2.45
N GLU A 174 -36.51 1.63 2.44
CA GLU A 174 -37.60 0.65 2.44
C GLU A 174 -37.48 -0.31 3.62
N ALA A 175 -36.93 -1.49 3.38
CA ALA A 175 -36.79 -2.48 4.44
C ALA A 175 -35.64 -2.15 5.40
N PHE A 176 -34.69 -1.32 4.98
CA PHE A 176 -33.58 -0.92 5.82
C PHE A 176 -33.79 0.44 6.47
N ASP A 177 -34.99 1.00 6.33
CA ASP A 177 -35.42 2.18 7.10
C ASP A 177 -36.79 1.91 7.68
N PRO A 178 -36.91 0.90 8.56
CA PRO A 178 -38.24 0.53 9.07
C PRO A 178 -38.91 1.63 9.88
N MET A 179 -38.14 2.43 10.61
CA MET A 179 -38.73 3.47 11.44
C MET A 179 -39.07 4.74 10.66
N GLY A 180 -38.72 4.80 9.39
CA GLY A 180 -39.06 5.96 8.58
C GLY A 180 -38.41 7.25 9.03
N MET A 181 -37.15 7.17 9.47
CA MET A 181 -36.44 8.37 9.89
C MET A 181 -35.91 9.19 8.72
N ALA A 182 -35.98 8.66 7.50
CA ALA A 182 -35.47 9.34 6.32
C ALA A 182 -36.58 9.65 5.32
N ASP A 183 -37.78 9.93 5.82
CA ASP A 183 -38.91 10.27 4.96
C ASP A 183 -38.96 11.76 4.61
N ASP A 184 -38.09 12.56 5.21
CA ASP A 184 -38.03 14.00 4.96
C ASP A 184 -36.70 14.31 4.30
N PRO A 185 -36.69 14.88 3.09
CA PRO A 185 -35.41 15.07 2.38
C PRO A 185 -34.40 15.92 3.14
N GLU A 186 -34.85 16.98 3.82
CA GLU A 186 -33.92 17.81 4.58
C GLU A 186 -33.32 17.05 5.74
N THR A 187 -34.17 16.40 6.54
CA THR A 187 -33.66 15.57 7.62
C THR A 187 -32.89 14.38 7.07
N PHE A 188 -33.24 13.90 5.88
CA PHE A 188 -32.48 12.82 5.26
C PHE A 188 -31.05 13.26 4.97
N ALA A 189 -30.88 14.46 4.41
CA ALA A 189 -29.55 14.97 4.15
C ALA A 189 -28.77 15.19 5.45
N GLU A 190 -29.45 15.74 6.46
CA GLU A 190 -28.78 15.95 7.74
C GLU A 190 -28.34 14.63 8.35
N LEU A 191 -29.19 13.61 8.29
CA LEU A 191 -28.84 12.30 8.82
C LEU A 191 -27.73 11.64 8.02
N LYS A 192 -27.69 11.85 6.71
CA LYS A 192 -26.57 11.34 5.93
C LYS A 192 -25.26 11.99 6.34
N THR A 193 -25.29 13.31 6.58
CA THR A 193 -24.10 13.97 7.08
C THR A 193 -23.67 13.42 8.44
N LYS A 194 -24.63 13.24 9.35
CA LYS A 194 -24.31 12.68 10.66
C LYS A 194 -23.74 11.27 10.52
N GLU A 195 -24.32 10.46 9.64
CA GLU A 195 -23.85 9.09 9.45
C GLU A 195 -22.42 9.07 8.93
N ILE A 196 -22.14 9.88 7.92
CA ILE A 196 -20.79 9.87 7.35
C ILE A 196 -19.79 10.42 8.35
N LYS A 197 -20.17 11.40 9.16
CA LYS A 197 -19.22 11.94 10.13
C LYS A 197 -18.94 10.95 11.25
N ASN A 198 -19.98 10.35 11.83
CA ASN A 198 -19.75 9.31 12.83
C ASN A 198 -18.98 8.14 12.25
N GLY A 199 -19.21 7.81 10.98
CA GLY A 199 -18.48 6.72 10.36
C GLY A 199 -17.00 7.03 10.16
N ARG A 200 -16.69 8.26 9.74
CA ARG A 200 -15.29 8.65 9.61
C ARG A 200 -14.61 8.66 10.97
N LEU A 201 -15.32 9.13 12.00
CA LEU A 201 -14.76 9.07 13.35
C LEU A 201 -14.50 7.64 13.78
N ALA A 202 -15.43 6.73 13.46
CA ALA A 202 -15.25 5.34 13.83
C ALA A 202 -14.10 4.70 13.07
N MET A 203 -13.92 5.04 11.79
CA MET A 203 -12.80 4.53 11.03
C MET A 203 -11.47 5.04 11.60
N PHE A 204 -11.43 6.32 11.97
CA PHE A 204 -10.25 6.87 12.63
C PHE A 204 -9.98 6.12 13.93
N ALA A 205 -11.02 5.88 14.72
CA ALA A 205 -10.87 5.16 15.98
C ALA A 205 -10.42 3.72 15.76
N MET A 206 -10.84 3.09 14.67
CA MET A 206 -10.44 1.71 14.43
C MET A 206 -9.01 1.62 13.94
N PHE A 207 -8.57 2.59 13.13
CA PHE A 207 -7.16 2.69 12.82
C PHE A 207 -6.36 2.88 14.10
N GLY A 208 -6.87 3.70 15.02
CA GLY A 208 -6.25 3.84 16.32
C GLY A 208 -6.21 2.54 17.10
N PHE A 209 -7.30 1.77 17.05
CA PHE A 209 -7.33 0.48 17.73
C PHE A 209 -6.26 -0.44 17.18
N PHE A 210 -6.13 -0.49 15.85
CA PHE A 210 -5.13 -1.35 15.22
C PHE A 210 -3.74 -0.94 15.65
N VAL A 211 -3.43 0.36 15.57
CA VAL A 211 -2.08 0.82 15.88
C VAL A 211 -1.78 0.64 17.37
N GLN A 212 -2.77 0.87 18.23
CA GLN A 212 -2.55 0.69 19.66
C GLN A 212 -2.36 -0.78 20.02
N SER A 213 -3.11 -1.67 19.39
CA SER A 213 -2.90 -3.10 19.62
C SER A 213 -1.51 -3.51 19.17
N LEU A 214 -1.07 -3.01 18.02
CA LEU A 214 0.27 -3.35 17.55
C LEU A 214 1.34 -2.79 18.48
N GLN A 215 1.17 -1.57 18.97
CA GLN A 215 2.22 -0.91 19.73
C GLN A 215 2.22 -1.34 21.19
N THR A 216 1.14 -1.04 21.91
CA THR A 216 1.09 -1.33 23.34
C THR A 216 0.86 -2.81 23.63
N GLY A 217 0.10 -3.49 22.79
CA GLY A 217 -0.23 -4.88 23.04
C GLY A 217 -1.37 -5.11 23.99
N LYS A 218 -2.14 -4.07 24.32
CA LYS A 218 -3.27 -4.18 25.21
C LYS A 218 -4.50 -3.55 24.57
N GLY A 219 -5.67 -3.95 25.05
CA GLY A 219 -6.92 -3.53 24.48
C GLY A 219 -7.19 -2.05 24.64
N PRO A 220 -8.09 -1.52 23.82
CA PRO A 220 -8.38 -0.08 23.89
C PRO A 220 -8.92 0.38 25.24
N VAL A 221 -9.70 -0.45 25.93
CA VAL A 221 -10.21 -0.06 27.24
C VAL A 221 -9.07 0.06 28.24
N GLU A 222 -8.11 -0.87 28.20
CA GLU A 222 -6.95 -0.78 29.08
C GLU A 222 -6.13 0.47 28.78
N CYS A 223 -5.92 0.76 27.50
CA CYS A 223 -5.17 1.96 27.13
C CYS A 223 -5.88 3.22 27.63
N TRP A 224 -7.21 3.28 27.47
CA TRP A 224 -7.96 4.43 27.93
C TRP A 224 -7.87 4.57 29.45
N ALA A 225 -7.98 3.45 30.17
CA ALA A 225 -7.85 3.49 31.61
C ALA A 225 -6.46 3.91 32.04
N GLU A 226 -5.45 3.66 31.21
CA GLU A 226 -4.09 4.04 31.56
C GLU A 226 -3.82 5.52 31.28
N HIS A 227 -4.30 6.05 30.16
CA HIS A 227 -4.10 7.48 29.87
C HIS A 227 -4.79 8.35 30.93
N ILE A 228 -5.99 7.96 31.34
CA ILE A 228 -6.70 8.76 32.34
C ILE A 228 -6.11 8.63 33.74
N ALA A 229 -5.25 7.64 33.97
CA ALA A 229 -4.61 7.50 35.27
C ALA A 229 -3.40 8.43 35.40
N ASP A 230 -2.42 8.26 34.52
CA ASP A 230 -1.22 9.10 34.48
C ASP A 230 -1.05 9.57 33.04
N PRO A 231 -1.74 10.63 32.64
CA PRO A 231 -1.71 11.04 31.22
C PRO A 231 -0.32 11.39 30.71
N VAL A 232 0.51 12.03 31.54
CA VAL A 232 1.83 12.46 31.08
C VAL A 232 2.74 11.26 30.88
N ALA A 233 2.71 10.31 31.82
CA ALA A 233 3.62 9.17 31.78
C ALA A 233 3.11 8.00 30.96
N ASN A 234 1.83 7.98 30.60
CA ASN A 234 1.23 6.87 29.86
C ASN A 234 0.68 7.32 28.52
N ASN A 235 1.42 8.19 27.83
CA ASN A 235 1.01 8.67 26.52
C ASN A 235 1.45 7.66 25.45
N GLY A 236 1.32 8.05 24.19
CA GLY A 236 1.71 7.18 23.09
C GLY A 236 3.18 7.15 22.77
N PHE A 237 3.95 8.09 23.30
CA PHE A 237 5.38 8.14 23.01
C PHE A 237 6.19 7.19 23.88
N VAL A 238 5.58 6.55 24.87
CA VAL A 238 6.28 5.55 25.67
C VAL A 238 6.73 4.39 24.78
N TYR A 239 5.90 4.03 23.80
CA TYR A 239 6.20 2.94 22.89
C TYR A 239 6.62 3.45 21.51
N ALA A 240 7.16 4.66 21.44
CA ALA A 240 7.51 5.25 20.15
C ALA A 240 8.73 4.59 19.53
N THR A 241 9.50 3.83 20.30
CA THR A 241 10.70 3.19 19.77
C THR A 241 10.41 1.93 18.97
N LYS A 242 9.16 1.48 18.92
CA LYS A 242 8.77 0.28 18.20
C LYS A 242 8.03 0.66 16.93
N PHE A 243 8.45 0.07 15.81
CA PHE A 243 7.79 0.32 14.52
C PHE A 243 6.64 -0.65 14.38
N PHE A 244 5.44 -0.20 14.78
CA PHE A 244 4.23 -1.02 14.74
C PHE A 244 4.42 -2.33 15.52
N GLY A 245 5.05 -2.22 16.69
CA GLY A 245 5.26 -3.34 17.58
C GLY A 245 6.64 -3.96 17.50
N ALA A 246 7.31 -3.83 16.36
CA ALA A 246 8.62 -4.44 16.19
C ALA A 246 9.70 -3.52 16.74
N GLN A 247 10.51 -4.03 17.65
CA GLN A 247 11.65 -3.29 18.18
C GLN A 247 12.83 -3.49 17.23
N ILE A 248 12.76 -2.79 16.10
CA ILE A 248 13.77 -2.95 15.06
C ILE A 248 15.11 -2.36 15.51
N PHE A 249 15.08 -1.19 16.12
CA PHE A 249 16.31 -0.52 16.53
C PHE A 249 16.52 -0.61 18.04
N VAL B 27 -19.35 -15.41 -26.50
CA VAL B 27 -20.77 -15.59 -26.18
C VAL B 27 -20.93 -15.78 -24.68
N GLU B 28 -19.89 -16.29 -24.02
CA GLU B 28 -19.91 -16.51 -22.59
C GLU B 28 -18.87 -15.71 -21.83
N PHE B 29 -17.77 -15.29 -22.48
CA PHE B 29 -16.77 -14.46 -21.83
C PHE B 29 -16.57 -13.12 -22.53
N TYR B 30 -17.35 -12.83 -23.57
CA TYR B 30 -17.32 -11.54 -24.24
C TYR B 30 -18.76 -11.09 -24.47
N GLY B 31 -18.94 -9.78 -24.57
CA GLY B 31 -20.24 -9.22 -24.89
C GLY B 31 -21.09 -8.96 -23.66
N PRO B 32 -22.35 -8.58 -23.89
CA PRO B 32 -23.21 -8.25 -22.74
C PRO B 32 -23.68 -9.47 -21.96
N ASP B 33 -23.80 -10.63 -22.60
CA ASP B 33 -24.29 -11.84 -21.95
C ASP B 33 -23.15 -12.69 -21.39
N ARG B 34 -22.03 -12.08 -21.02
CA ARG B 34 -20.86 -12.82 -20.59
C ARG B 34 -21.00 -13.25 -19.14
N ALA B 35 -19.95 -13.88 -18.62
CA ALA B 35 -19.90 -14.32 -17.24
C ALA B 35 -19.34 -13.21 -16.37
N LEU B 36 -19.95 -13.00 -15.21
CA LEU B 36 -19.62 -11.89 -14.33
C LEU B 36 -19.12 -12.40 -12.99
N TRP B 37 -18.49 -11.51 -12.23
CA TRP B 37 -17.72 -11.93 -11.06
C TRP B 37 -18.61 -12.35 -9.89
N LEU B 38 -19.81 -11.79 -9.77
CA LEU B 38 -20.72 -12.14 -8.70
C LEU B 38 -21.78 -13.14 -9.15
N GLY B 39 -21.65 -13.70 -10.34
CA GLY B 39 -22.60 -14.67 -10.85
C GLY B 39 -23.98 -14.09 -11.01
N PRO B 40 -24.99 -14.78 -10.47
CA PRO B 40 -26.37 -14.30 -10.59
C PRO B 40 -26.62 -12.97 -9.90
N TYR B 41 -25.76 -12.58 -8.95
CA TYR B 41 -25.92 -11.33 -8.21
C TYR B 41 -25.03 -10.22 -8.77
N SER B 42 -24.82 -10.20 -10.07
CA SER B 42 -23.96 -9.21 -10.70
C SER B 42 -24.70 -8.04 -11.31
N GLU B 43 -26.02 -8.13 -11.45
CA GLU B 43 -26.79 -7.04 -12.00
C GLU B 43 -26.67 -5.81 -11.12
N GLY B 44 -26.04 -4.76 -11.63
CA GLY B 44 -25.77 -3.57 -10.85
C GLY B 44 -24.41 -3.55 -10.17
N ALA B 45 -23.66 -4.65 -10.23
CA ALA B 45 -22.31 -4.70 -9.70
C ALA B 45 -21.26 -4.52 -10.80
N VAL B 46 -21.68 -4.25 -12.02
CA VAL B 46 -20.80 -4.15 -13.18
C VAL B 46 -20.72 -2.69 -13.60
N PRO B 47 -19.55 -2.08 -13.59
CA PRO B 47 -19.43 -0.69 -14.05
C PRO B 47 -19.77 -0.58 -15.53
N SER B 48 -20.29 0.59 -15.90
CA SER B 48 -20.75 0.80 -17.27
C SER B 48 -19.62 0.79 -18.28
N TYR B 49 -18.38 1.05 -17.86
CA TYR B 49 -17.25 1.08 -18.77
C TYR B 49 -16.64 -0.29 -19.00
N LEU B 50 -17.08 -1.31 -18.29
CA LEU B 50 -16.65 -2.69 -18.53
C LEU B 50 -17.73 -3.35 -19.38
N THR B 51 -17.56 -3.25 -20.70
CA THR B 51 -18.55 -3.72 -21.65
C THR B 51 -18.23 -5.11 -22.20
N GLY B 52 -17.29 -5.82 -21.59
CA GLY B 52 -16.92 -7.14 -22.07
C GLY B 52 -16.24 -7.14 -23.42
N GLU B 53 -15.31 -6.20 -23.63
CA GLU B 53 -14.55 -6.14 -24.87
C GLU B 53 -13.18 -6.79 -24.77
N PHE B 54 -12.55 -6.72 -23.62
CA PHE B 54 -11.21 -7.22 -23.38
C PHE B 54 -11.24 -8.53 -22.62
N PRO B 55 -10.21 -9.36 -22.76
CA PRO B 55 -10.23 -10.68 -22.11
C PRO B 55 -10.31 -10.57 -20.59
N GLY B 56 -10.98 -11.56 -20.00
CA GLY B 56 -11.10 -11.59 -18.55
C GLY B 56 -12.04 -10.57 -17.97
N ASP B 57 -12.98 -10.08 -18.76
CA ASP B 57 -13.92 -9.04 -18.30
C ASP B 57 -15.05 -9.71 -17.54
N TYR B 58 -14.89 -9.82 -16.23
CA TYR B 58 -15.94 -10.27 -15.34
C TYR B 58 -16.65 -9.11 -14.66
N GLY B 59 -16.38 -7.88 -15.09
CA GLY B 59 -17.05 -6.73 -14.54
C GLY B 59 -16.69 -6.38 -13.11
N TRP B 60 -15.47 -6.71 -12.69
CA TRP B 60 -15.05 -6.47 -11.31
C TRP B 60 -14.15 -5.24 -11.27
N ASP B 61 -14.78 -4.07 -11.09
CA ASP B 61 -14.05 -2.84 -10.83
C ASP B 61 -14.75 -2.06 -9.72
N SER B 62 -15.03 -2.75 -8.61
CA SER B 62 -15.77 -2.13 -7.51
C SER B 62 -15.07 -0.90 -6.96
N ALA B 63 -13.75 -0.85 -7.06
CA ALA B 63 -13.00 0.31 -6.58
C ALA B 63 -12.90 1.42 -7.60
N GLY B 64 -13.38 1.21 -8.82
CA GLY B 64 -13.33 2.24 -9.84
C GLY B 64 -11.93 2.66 -10.23
N LEU B 65 -10.98 1.72 -10.25
CA LEU B 65 -9.61 2.05 -10.58
C LEU B 65 -9.34 2.08 -12.08
N SER B 66 -10.31 1.67 -12.90
CA SER B 66 -10.13 1.63 -14.34
C SER B 66 -11.24 2.40 -15.06
N ALA B 67 -11.74 3.47 -14.43
CA ALA B 67 -12.76 4.28 -15.08
C ALA B 67 -12.20 5.03 -16.29
N ASP B 68 -10.96 5.50 -16.17
CA ASP B 68 -10.31 6.17 -17.29
C ASP B 68 -9.85 5.14 -18.32
N PRO B 69 -10.22 5.29 -19.60
CA PRO B 69 -9.81 4.29 -20.60
C PRO B 69 -8.30 4.10 -20.69
N GLU B 70 -7.52 5.18 -20.56
CA GLU B 70 -6.07 5.03 -20.60
C GLU B 70 -5.55 4.34 -19.34
N THR B 71 -6.10 4.70 -18.18
CA THR B 71 -5.78 3.96 -16.96
C THR B 71 -6.24 2.51 -17.06
N PHE B 72 -7.38 2.28 -17.73
CA PHE B 72 -7.83 0.91 -17.96
C PHE B 72 -6.83 0.13 -18.80
N ALA B 73 -6.30 0.74 -19.87
CA ALA B 73 -5.32 0.07 -20.70
C ALA B 73 -4.04 -0.22 -19.93
N ALA B 74 -3.58 0.76 -19.14
CA ALA B 74 -2.40 0.55 -18.32
C ALA B 74 -2.62 -0.58 -17.32
N ASN B 75 -3.80 -0.63 -16.71
CA ASN B 75 -4.11 -1.69 -15.77
C ASN B 75 -4.17 -3.05 -16.47
N ARG B 76 -4.71 -3.10 -17.69
CA ARG B 76 -4.73 -4.36 -18.42
C ARG B 76 -3.32 -4.85 -18.71
N GLU B 77 -2.45 -3.94 -19.14
CA GLU B 77 -1.06 -4.32 -19.40
C GLU B 77 -0.37 -4.81 -18.12
N LEU B 78 -0.55 -4.07 -17.02
CA LEU B 78 0.04 -4.48 -15.75
C LEU B 78 -0.48 -5.83 -15.32
N GLU B 79 -1.79 -6.05 -15.44
CA GLU B 79 -2.37 -7.32 -15.03
C GLU B 79 -1.83 -8.47 -15.85
N LEU B 80 -1.73 -8.30 -17.18
CA LEU B 80 -1.27 -9.40 -18.00
C LEU B 80 0.21 -9.69 -17.75
N ILE B 81 1.02 -8.66 -17.53
CA ILE B 81 2.44 -8.90 -17.27
C ILE B 81 2.63 -9.56 -15.91
N HIS B 82 1.95 -9.06 -14.88
CA HIS B 82 1.98 -9.71 -13.57
C HIS B 82 1.50 -11.15 -13.70
N ALA B 83 0.49 -11.41 -14.53
CA ALA B 83 -0.07 -12.74 -14.66
C ALA B 83 0.91 -13.70 -15.31
N ARG B 84 1.55 -13.26 -16.39
CA ARG B 84 2.54 -14.12 -17.04
C ARG B 84 3.72 -14.40 -16.13
N TRP B 85 4.18 -13.37 -15.40
CA TRP B 85 5.26 -13.59 -14.46
C TRP B 85 4.86 -14.57 -13.36
N ALA B 86 3.63 -14.45 -12.87
CA ALA B 86 3.16 -15.37 -11.83
C ALA B 86 2.98 -16.79 -12.37
N MET B 87 2.58 -16.93 -13.62
CA MET B 87 2.44 -18.27 -14.20
C MET B 87 3.79 -18.94 -14.37
N LEU B 88 4.81 -18.17 -14.74
CA LEU B 88 6.16 -18.70 -14.70
C LEU B 88 6.57 -19.02 -13.26
N GLY B 89 6.22 -18.14 -12.32
CA GLY B 89 6.70 -18.28 -10.96
C GLY B 89 6.12 -19.47 -10.23
N THR B 90 4.85 -19.81 -10.49
CA THR B 90 4.24 -20.96 -9.84
C THR B 90 5.01 -22.23 -10.18
N VAL B 91 5.29 -22.45 -11.47
CA VAL B 91 6.06 -23.60 -11.87
C VAL B 91 7.48 -23.51 -11.32
N GLY B 92 8.07 -22.32 -11.35
CA GLY B 92 9.44 -22.18 -10.87
C GLY B 92 9.59 -22.41 -9.38
N CYS B 93 8.53 -22.16 -8.61
CA CYS B 93 8.55 -22.39 -7.18
C CYS B 93 8.16 -23.82 -6.82
N LEU B 94 7.31 -24.45 -7.63
CA LEU B 94 6.92 -25.83 -7.32
C LEU B 94 7.93 -26.85 -7.81
N THR B 95 8.59 -26.60 -8.95
CA THR B 95 9.40 -27.63 -9.58
C THR B 95 10.59 -28.08 -8.73
N PRO B 96 11.43 -27.19 -8.18
CA PRO B 96 12.56 -27.71 -7.38
C PRO B 96 12.12 -28.44 -6.13
N GLU B 97 11.14 -27.91 -5.40
CA GLU B 97 10.70 -28.57 -4.18
C GLU B 97 10.03 -29.89 -4.49
N ALA B 98 9.21 -29.95 -5.54
CA ALA B 98 8.57 -31.21 -5.91
C ALA B 98 9.60 -32.23 -6.36
N LEU B 99 10.63 -31.79 -7.10
CA LEU B 99 11.69 -32.69 -7.51
C LEU B 99 12.45 -33.23 -6.30
N GLU B 100 12.72 -32.37 -5.32
CA GLU B 100 13.42 -32.84 -4.13
C GLU B 100 12.58 -33.83 -3.34
N LYS B 101 11.28 -33.54 -3.18
CA LYS B 101 10.43 -34.36 -2.33
C LYS B 101 10.09 -35.70 -2.98
N TYR B 102 9.78 -35.69 -4.28
CA TYR B 102 9.28 -36.87 -4.96
C TYR B 102 10.17 -37.38 -6.09
N GLY B 103 11.30 -36.73 -6.35
CA GLY B 103 12.15 -37.15 -7.45
C GLY B 103 13.55 -37.53 -7.02
N GLY B 104 13.93 -37.17 -5.80
CA GLY B 104 15.22 -37.51 -5.26
C GLY B 104 16.34 -36.55 -5.60
N VAL B 105 16.07 -35.49 -6.35
CA VAL B 105 17.11 -34.52 -6.68
C VAL B 105 17.48 -33.75 -5.43
N GLU B 106 18.78 -33.62 -5.18
CA GLU B 106 19.30 -32.99 -3.97
C GLU B 106 19.72 -31.57 -4.28
N PHE B 107 18.77 -30.64 -4.15
CA PHE B 107 19.08 -29.22 -4.29
C PHE B 107 19.70 -28.70 -2.99
N GLY B 108 20.41 -27.57 -3.11
CA GLY B 108 20.91 -26.91 -1.92
C GLY B 108 19.78 -26.36 -1.06
N GLU B 109 18.81 -25.70 -1.70
CA GLU B 109 17.62 -25.19 -1.03
C GLU B 109 16.46 -25.34 -2.01
N ALA B 110 15.66 -26.40 -1.83
CA ALA B 110 14.58 -26.66 -2.77
C ALA B 110 13.44 -25.67 -2.60
N VAL B 111 13.14 -25.27 -1.37
CA VAL B 111 12.04 -24.34 -1.13
C VAL B 111 12.32 -23.02 -1.81
N TRP B 112 11.30 -22.44 -2.41
CA TRP B 112 11.50 -21.27 -3.28
C TRP B 112 11.98 -20.07 -2.50
N PHE B 113 11.47 -19.86 -1.28
CA PHE B 113 11.84 -18.67 -0.53
C PHE B 113 13.22 -18.76 0.09
N LYS B 114 13.88 -19.93 0.05
CA LYS B 114 15.27 -20.05 0.44
C LYS B 114 16.20 -20.30 -0.73
N ALA B 115 15.68 -20.36 -1.96
CA ALA B 115 16.51 -20.67 -3.10
C ALA B 115 17.54 -19.58 -3.37
N GLY B 116 17.19 -18.32 -3.09
CA GLY B 116 18.13 -17.23 -3.33
C GLY B 116 19.36 -17.33 -2.44
N SER B 117 19.18 -17.79 -1.20
CA SER B 117 20.29 -17.89 -0.26
C SER B 117 21.28 -18.98 -0.62
N GLN B 118 21.04 -19.74 -1.70
CA GLN B 118 22.00 -20.75 -2.13
C GLN B 118 23.32 -20.13 -2.55
N ILE B 119 23.27 -18.92 -3.12
CA ILE B 119 24.47 -18.31 -3.67
C ILE B 119 25.49 -18.01 -2.58
N PHE B 120 25.04 -17.82 -1.35
CA PHE B 120 25.94 -17.57 -0.22
C PHE B 120 26.47 -18.85 0.41
N ALA B 121 25.91 -20.00 0.06
CA ALA B 121 26.36 -21.26 0.63
C ALA B 121 27.70 -21.66 0.05
N GLU B 122 28.43 -22.49 0.80
CA GLU B 122 29.69 -23.03 0.29
C GLU B 122 29.43 -23.92 -0.91
N GLY B 123 30.25 -23.74 -1.95
CA GLY B 123 30.05 -24.43 -3.20
C GLY B 123 29.16 -23.70 -4.18
N GLY B 124 28.53 -22.61 -3.77
CA GLY B 124 27.75 -21.80 -4.68
C GLY B 124 26.40 -22.42 -5.00
N LEU B 125 25.84 -21.96 -6.12
CA LEU B 125 24.50 -22.36 -6.56
C LEU B 125 24.66 -23.30 -7.75
N ASP B 126 24.53 -24.60 -7.49
CA ASP B 126 24.57 -25.61 -8.54
C ASP B 126 23.17 -25.87 -9.06
N TYR B 127 23.04 -25.97 -10.38
CA TYR B 127 21.76 -26.24 -10.99
C TYR B 127 21.43 -27.73 -10.89
N LEU B 128 20.24 -28.05 -10.38
CA LEU B 128 19.81 -29.42 -10.15
C LEU B 128 20.75 -30.16 -9.20
N GLY B 129 21.44 -29.41 -8.34
CA GLY B 129 22.39 -30.01 -7.44
C GLY B 129 23.64 -30.55 -8.10
N ASN B 130 23.84 -30.31 -9.39
CA ASN B 130 25.00 -30.81 -10.10
C ASN B 130 26.09 -29.77 -10.11
N PRO B 131 27.28 -30.05 -9.56
CA PRO B 131 28.35 -29.04 -9.53
C PRO B 131 28.82 -28.61 -10.91
N SER B 132 28.59 -29.40 -11.95
CA SER B 132 29.04 -29.08 -13.29
C SER B 132 28.04 -28.26 -14.08
N LEU B 133 26.91 -27.88 -13.47
CA LEU B 133 25.89 -27.06 -14.13
C LEU B 133 25.84 -25.69 -13.47
N VAL B 134 25.99 -24.64 -14.29
CA VAL B 134 25.94 -23.25 -13.84
C VAL B 134 27.07 -22.99 -12.84
N HIS B 135 26.97 -23.56 -11.64
CA HIS B 135 28.00 -23.44 -10.62
C HIS B 135 28.26 -21.96 -10.27
N ALA B 136 27.18 -21.21 -10.08
CA ALA B 136 27.29 -19.80 -9.78
C ALA B 136 27.94 -19.60 -8.42
N GLN B 137 28.79 -18.57 -8.33
CA GLN B 137 29.50 -18.26 -7.09
C GLN B 137 29.42 -16.81 -6.66
N SER B 138 29.09 -15.88 -7.56
CA SER B 138 29.05 -14.46 -7.24
C SER B 138 27.62 -13.95 -7.40
N ILE B 139 27.06 -13.38 -6.33
CA ILE B 139 25.73 -12.81 -6.42
C ILE B 139 25.75 -11.52 -7.23
N LEU B 140 26.84 -10.76 -7.16
CA LEU B 140 26.93 -9.51 -7.91
C LEU B 140 26.89 -9.76 -9.40
N ALA B 141 27.63 -10.76 -9.87
CA ALA B 141 27.62 -11.08 -11.30
C ALA B 141 26.22 -11.48 -11.76
N ILE B 142 25.54 -12.33 -10.99
CA ILE B 142 24.18 -12.73 -11.33
C ILE B 142 23.28 -11.51 -11.39
N CYS B 143 23.34 -10.67 -10.36
CA CYS B 143 22.45 -9.51 -10.27
C CYS B 143 22.65 -8.58 -11.45
N TRP B 144 23.90 -8.24 -11.77
CA TRP B 144 24.14 -7.26 -12.82
C TRP B 144 23.94 -7.84 -14.21
N THR B 145 24.26 -9.12 -14.42
CA THR B 145 23.90 -9.74 -15.69
C THR B 145 22.40 -9.73 -15.89
N GLN B 146 21.64 -10.04 -14.85
CA GLN B 146 20.20 -9.97 -14.94
C GLN B 146 19.73 -8.54 -15.20
N VAL B 147 20.35 -7.56 -14.55
CA VAL B 147 19.97 -6.17 -14.76
C VAL B 147 20.11 -5.82 -16.23
N VAL B 148 21.27 -6.12 -16.82
CA VAL B 148 21.51 -5.77 -18.22
C VAL B 148 20.54 -6.51 -19.13
N LEU B 149 20.43 -7.83 -18.97
CA LEU B 149 19.63 -8.63 -19.87
C LEU B 149 18.16 -8.26 -19.78
N MET B 150 17.64 -8.12 -18.56
CA MET B 150 16.23 -7.77 -18.39
C MET B 150 15.95 -6.34 -18.79
N GLY B 151 16.90 -5.43 -18.61
CA GLY B 151 16.71 -4.08 -19.10
C GLY B 151 16.57 -4.03 -20.61
N LEU B 152 17.44 -4.74 -21.31
CA LEU B 152 17.31 -4.84 -22.76
C LEU B 152 16.00 -5.51 -23.14
N ALA B 153 15.63 -6.58 -22.44
CA ALA B 153 14.42 -7.33 -22.79
C ALA B 153 13.17 -6.48 -22.59
N GLU B 154 13.09 -5.73 -21.50
CA GLU B 154 11.93 -4.90 -21.26
C GLU B 154 11.91 -3.66 -22.16
N GLY B 155 13.08 -3.13 -22.52
CA GLY B 155 13.11 -2.10 -23.53
C GLY B 155 12.59 -2.58 -24.86
N TYR B 156 12.95 -3.81 -25.25
CA TYR B 156 12.39 -4.40 -26.46
C TYR B 156 10.89 -4.63 -26.29
N ARG B 157 10.46 -5.04 -25.11
CA ARG B 157 9.01 -5.24 -24.90
C ARG B 157 8.29 -3.92 -25.15
N CYS B 158 8.81 -2.83 -24.62
CA CYS B 158 8.11 -1.55 -24.77
C CYS B 158 8.20 -0.99 -26.18
N SER B 159 9.35 -1.12 -26.84
CA SER B 159 9.59 -0.39 -28.08
C SER B 159 9.98 -1.27 -29.26
N GLY B 160 10.14 -2.58 -29.08
CA GLY B 160 10.59 -3.43 -30.15
C GLY B 160 12.11 -3.52 -30.20
N GLY B 161 12.58 -4.60 -30.81
CA GLY B 161 13.99 -4.86 -30.87
C GLY B 161 14.35 -5.93 -31.89
N PRO B 162 15.31 -6.79 -31.53
CA PRO B 162 15.76 -7.81 -32.48
C PRO B 162 14.68 -8.77 -32.91
N LEU B 163 13.74 -9.09 -32.03
CA LEU B 163 12.72 -10.09 -32.33
C LEU B 163 11.50 -9.51 -33.02
N GLY B 164 11.45 -8.21 -33.23
CA GLY B 164 10.36 -7.59 -33.96
C GLY B 164 10.03 -6.25 -33.37
N GLU B 165 8.88 -5.72 -33.79
CA GLU B 165 8.40 -4.42 -33.34
C GLU B 165 7.20 -4.61 -32.41
N ALA B 166 7.16 -3.82 -31.35
CA ALA B 166 6.08 -3.93 -30.38
C ALA B 166 4.80 -3.36 -30.93
N THR B 167 4.18 -4.07 -31.88
CA THR B 167 2.90 -3.61 -32.44
C THR B 167 1.82 -3.61 -31.39
N ASP B 168 1.78 -4.62 -30.54
CA ASP B 168 0.82 -4.71 -29.46
C ASP B 168 1.57 -4.80 -28.12
N PRO B 169 1.19 -4.02 -27.11
CA PRO B 169 1.92 -4.08 -25.83
C PRO B 169 1.83 -5.43 -25.14
N LEU B 170 0.83 -6.24 -25.45
CA LEU B 170 0.62 -7.51 -24.76
C LEU B 170 0.64 -8.73 -25.67
N TYR B 171 0.25 -8.58 -26.93
CA TYR B 171 0.16 -9.70 -27.87
C TYR B 171 0.93 -9.35 -29.14
N PRO B 172 2.25 -9.24 -29.05
CA PRO B 172 3.03 -8.90 -30.26
C PRO B 172 2.90 -9.93 -31.37
N GLY B 173 2.79 -11.22 -31.03
CA GLY B 173 2.69 -12.22 -32.07
C GLY B 173 3.97 -12.36 -32.86
N GLU B 174 3.82 -12.76 -34.12
CA GLU B 174 4.93 -12.92 -35.06
C GLU B 174 6.00 -13.84 -34.50
N ALA B 175 7.06 -13.27 -33.93
CA ALA B 175 8.14 -14.08 -33.38
C ALA B 175 7.79 -14.70 -32.04
N PHE B 176 6.77 -14.20 -31.36
CA PHE B 176 6.33 -14.75 -30.09
C PHE B 176 5.10 -15.64 -30.24
N ASP B 177 4.70 -15.92 -31.47
CA ASP B 177 3.70 -16.96 -31.76
C ASP B 177 4.24 -17.85 -32.89
N PRO B 178 5.35 -18.54 -32.65
CA PRO B 178 5.96 -19.33 -33.72
C PRO B 178 5.08 -20.46 -34.22
N MET B 179 4.27 -21.07 -33.36
CA MET B 179 3.42 -22.18 -33.75
C MET B 179 2.14 -21.73 -34.43
N GLY B 180 1.87 -20.43 -34.46
CA GLY B 180 0.67 -19.94 -35.12
C GLY B 180 -0.62 -20.41 -34.50
N MET B 181 -0.68 -20.41 -33.17
CA MET B 181 -1.90 -20.80 -32.49
C MET B 181 -2.92 -19.68 -32.43
N ALA B 182 -2.54 -18.46 -32.83
CA ALA B 182 -3.42 -17.30 -32.76
C ALA B 182 -3.68 -16.71 -34.15
N ASP B 183 -3.56 -17.53 -35.20
CA ASP B 183 -3.83 -17.06 -36.55
C ASP B 183 -5.31 -16.89 -36.84
N ASP B 184 -6.19 -17.38 -35.96
CA ASP B 184 -7.63 -17.41 -36.19
C ASP B 184 -8.32 -16.57 -35.12
N PRO B 185 -9.05 -15.52 -35.50
CA PRO B 185 -9.50 -14.53 -34.49
C PRO B 185 -10.36 -15.10 -33.37
N GLU B 186 -11.26 -16.04 -33.67
CA GLU B 186 -12.13 -16.57 -32.62
C GLU B 186 -11.32 -17.43 -31.64
N THR B 187 -10.47 -18.32 -32.16
CA THR B 187 -9.58 -19.05 -31.28
C THR B 187 -8.59 -18.12 -30.60
N PHE B 188 -8.23 -17.02 -31.24
CA PHE B 188 -7.37 -16.03 -30.60
C PHE B 188 -8.05 -15.44 -29.37
N ALA B 189 -9.32 -15.07 -29.49
CA ALA B 189 -10.05 -14.52 -28.35
C ALA B 189 -10.21 -15.58 -27.26
N GLU B 190 -10.54 -16.81 -27.65
CA GLU B 190 -10.68 -17.87 -26.66
C GLU B 190 -9.37 -18.13 -25.93
N LEU B 191 -8.25 -18.14 -26.65
CA LEU B 191 -6.96 -18.34 -26.02
C LEU B 191 -6.56 -17.17 -25.15
N LYS B 192 -6.93 -15.94 -25.52
CA LYS B 192 -6.68 -14.80 -24.65
C LYS B 192 -7.45 -14.93 -23.35
N THR B 193 -8.71 -15.38 -23.43
CA THR B 193 -9.49 -15.62 -22.22
C THR B 193 -8.84 -16.69 -21.36
N LYS B 194 -8.40 -17.80 -21.98
CA LYS B 194 -7.74 -18.86 -21.23
C LYS B 194 -6.46 -18.35 -20.58
N GLU B 195 -5.69 -17.55 -21.31
CA GLU B 195 -4.43 -17.02 -20.78
C GLU B 195 -4.69 -16.13 -19.58
N ILE B 196 -5.64 -15.21 -19.69
CA ILE B 196 -5.89 -14.30 -18.57
C ILE B 196 -6.45 -15.04 -17.38
N LYS B 197 -7.26 -16.08 -17.61
CA LYS B 197 -7.82 -16.83 -16.48
C LYS B 197 -6.76 -17.66 -15.77
N ASN B 198 -5.93 -18.39 -16.53
CA ASN B 198 -4.84 -19.12 -15.91
C ASN B 198 -3.86 -18.16 -15.23
N GLY B 199 -3.67 -16.97 -15.80
CA GLY B 199 -2.79 -16.00 -15.17
C GLY B 199 -3.33 -15.46 -13.86
N ARG B 200 -4.62 -15.16 -13.82
CA ARG B 200 -5.22 -14.72 -12.56
C ARG B 200 -5.17 -15.83 -11.51
N LEU B 201 -5.40 -17.08 -11.93
CA LEU B 201 -5.28 -18.19 -11.01
C LEU B 201 -3.85 -18.31 -10.48
N ALA B 202 -2.86 -18.13 -11.34
CA ALA B 202 -1.47 -18.23 -10.89
C ALA B 202 -1.08 -17.05 -10.01
N MET B 203 -1.60 -15.85 -10.27
CA MET B 203 -1.35 -14.73 -9.38
C MET B 203 -1.95 -14.99 -8.00
N PHE B 204 -3.17 -15.53 -7.97
CA PHE B 204 -3.79 -15.91 -6.71
C PHE B 204 -2.94 -16.94 -5.99
N ALA B 205 -2.45 -17.94 -6.73
CA ALA B 205 -1.62 -18.98 -6.13
C ALA B 205 -0.27 -18.42 -5.65
N MET B 206 0.27 -17.42 -6.33
CA MET B 206 1.53 -16.84 -5.87
C MET B 206 1.34 -16.00 -4.63
N PHE B 207 0.23 -15.27 -4.55
CA PHE B 207 -0.10 -14.60 -3.29
C PHE B 207 -0.26 -15.62 -2.18
N GLY B 208 -0.89 -16.76 -2.48
CA GLY B 208 -0.97 -17.83 -1.51
C GLY B 208 0.39 -18.36 -1.10
N PHE B 209 1.30 -18.51 -2.07
CA PHE B 209 2.65 -18.96 -1.75
C PHE B 209 3.34 -17.99 -0.81
N PHE B 210 3.22 -16.68 -1.10
CA PHE B 210 3.83 -15.67 -0.25
C PHE B 210 3.29 -15.75 1.17
N VAL B 211 1.96 -15.79 1.31
CA VAL B 211 1.36 -15.79 2.63
C VAL B 211 1.66 -17.09 3.38
N GLN B 212 1.68 -18.21 2.67
CA GLN B 212 1.99 -19.49 3.31
C GLN B 212 3.43 -19.55 3.75
N SER B 213 4.35 -19.01 2.96
CA SER B 213 5.74 -18.95 3.38
C SER B 213 5.89 -18.08 4.61
N LEU B 214 5.20 -16.92 4.63
CA LEU B 214 5.28 -16.06 5.80
C LEU B 214 4.70 -16.74 7.04
N GLN B 215 3.58 -17.43 6.89
CA GLN B 215 2.87 -17.97 8.05
C GLN B 215 3.47 -19.29 8.51
N THR B 216 3.43 -20.32 7.65
CA THR B 216 3.89 -21.64 8.04
C THR B 216 5.41 -21.75 8.06
N GLY B 217 6.10 -21.02 7.18
CA GLY B 217 7.54 -21.13 7.10
C GLY B 217 8.05 -22.31 6.31
N LYS B 218 7.18 -23.02 5.60
CA LYS B 218 7.57 -24.16 4.79
C LYS B 218 7.04 -23.99 3.37
N GLY B 219 7.66 -24.70 2.43
CA GLY B 219 7.35 -24.56 1.03
C GLY B 219 5.96 -25.02 0.68
N PRO B 220 5.46 -24.57 -0.48
CA PRO B 220 4.09 -24.95 -0.88
C PRO B 220 3.88 -26.44 -1.02
N VAL B 221 4.89 -27.19 -1.49
CA VAL B 221 4.72 -28.63 -1.63
C VAL B 221 4.57 -29.29 -0.28
N GLU B 222 5.35 -28.85 0.72
CA GLU B 222 5.20 -29.38 2.07
C GLU B 222 3.83 -29.05 2.65
N CYS B 223 3.35 -27.82 2.43
CA CYS B 223 2.02 -27.45 2.90
C CYS B 223 0.96 -28.32 2.26
N TRP B 224 1.06 -28.55 0.95
CA TRP B 224 0.09 -29.38 0.26
C TRP B 224 0.13 -30.82 0.76
N ALA B 225 1.33 -31.36 0.98
CA ALA B 225 1.45 -32.72 1.49
C ALA B 225 0.89 -32.82 2.90
N GLU B 226 0.96 -31.75 3.69
CA GLU B 226 0.40 -31.80 5.03
C GLU B 226 -1.11 -31.67 5.03
N HIS B 227 -1.66 -30.81 4.17
CA HIS B 227 -3.12 -30.65 4.14
C HIS B 227 -3.80 -31.95 3.73
N ILE B 228 -3.23 -32.66 2.76
CA ILE B 228 -3.82 -33.92 2.31
C ILE B 228 -3.63 -35.04 3.32
N ALA B 229 -2.75 -34.86 4.31
CA ALA B 229 -2.55 -35.88 5.33
C ALA B 229 -3.61 -35.78 6.42
N ASP B 230 -3.68 -34.64 7.11
CA ASP B 230 -4.68 -34.37 8.13
C ASP B 230 -5.32 -33.03 7.81
N PRO B 231 -6.32 -33.01 6.92
CA PRO B 231 -6.90 -31.72 6.49
C PRO B 231 -7.48 -30.91 7.63
N VAL B 232 -8.13 -31.56 8.60
CA VAL B 232 -8.78 -30.82 9.68
C VAL B 232 -7.74 -30.20 10.61
N ALA B 233 -6.71 -30.95 10.96
CA ALA B 233 -5.72 -30.48 11.93
C ALA B 233 -4.59 -29.67 11.31
N ASN B 234 -4.45 -29.69 9.98
CA ASN B 234 -3.36 -28.99 9.30
C ASN B 234 -3.90 -27.96 8.32
N ASN B 235 -4.95 -27.25 8.73
CA ASN B 235 -5.52 -26.20 7.89
C ASN B 235 -4.79 -24.89 8.15
N GLY B 236 -5.31 -23.79 7.61
CA GLY B 236 -4.65 -22.51 7.73
C GLY B 236 -4.83 -21.79 9.04
N PHE B 237 -5.79 -22.22 9.87
CA PHE B 237 -6.03 -21.55 11.13
C PHE B 237 -5.10 -22.00 12.24
N VAL B 238 -4.27 -23.01 12.00
CA VAL B 238 -3.29 -23.43 13.00
C VAL B 238 -2.32 -22.28 13.28
N TYR B 239 -1.98 -21.51 12.26
CA TYR B 239 -1.04 -20.40 12.38
C TYR B 239 -1.75 -19.06 12.32
N ALA B 240 -3.03 -19.02 12.68
CA ALA B 240 -3.81 -17.78 12.59
C ALA B 240 -3.39 -16.75 13.62
N THR B 241 -2.72 -17.17 14.69
CA THR B 241 -2.31 -16.24 15.74
C THR B 241 -1.13 -15.37 15.34
N LYS B 242 -0.51 -15.62 14.19
CA LYS B 242 0.63 -14.85 13.72
C LYS B 242 0.20 -13.91 12.62
N PHE B 243 0.63 -12.65 12.70
CA PHE B 243 0.33 -11.64 11.69
C PHE B 243 1.44 -11.69 10.65
N PHE B 244 1.20 -12.48 9.59
CA PHE B 244 2.18 -12.67 8.52
C PHE B 244 3.51 -13.15 9.08
N GLY B 245 3.45 -14.12 9.99
CA GLY B 245 4.63 -14.73 10.56
C GLY B 245 5.12 -14.10 11.85
N ALA B 246 4.54 -12.97 12.27
CA ALA B 246 4.96 -12.29 13.48
C ALA B 246 3.98 -12.60 14.60
N GLN B 247 4.49 -13.20 15.68
CA GLN B 247 3.66 -13.49 16.86
C GLN B 247 3.60 -12.24 17.72
N ILE B 248 2.80 -11.28 17.26
CA ILE B 248 2.71 -9.98 17.94
C ILE B 248 1.98 -10.14 19.27
N PHE B 249 0.89 -10.90 19.29
CA PHE B 249 0.10 -11.06 20.50
C PHE B 249 0.33 -12.42 21.14
N VAL C 27 14.70 22.10 -24.75
CA VAL C 27 15.13 21.44 -25.97
C VAL C 27 15.56 20.01 -25.66
N GLU C 28 15.95 19.77 -24.41
CA GLU C 28 16.37 18.45 -23.97
C GLU C 28 15.54 17.90 -22.82
N PHE C 29 14.88 18.74 -22.03
CA PHE C 29 14.02 18.29 -20.96
C PHE C 29 12.58 18.78 -21.08
N TYR C 30 12.26 19.47 -22.18
CA TYR C 30 10.89 19.87 -22.47
C TYR C 30 10.61 19.62 -23.95
N GLY C 31 9.33 19.45 -24.27
CA GLY C 31 8.92 19.30 -25.64
C GLY C 31 8.98 17.87 -26.14
N PRO C 32 8.75 17.70 -27.45
CA PRO C 32 8.71 16.33 -27.99
C PRO C 32 10.06 15.65 -28.03
N ASP C 33 11.15 16.41 -28.19
CA ASP C 33 12.49 15.84 -28.31
C ASP C 33 13.23 15.79 -26.98
N ARG C 34 12.50 15.63 -25.88
CA ARG C 34 13.10 15.69 -24.55
C ARG C 34 13.75 14.35 -24.21
N ALA C 35 14.23 14.25 -22.98
CA ALA C 35 14.84 13.02 -22.46
C ALA C 35 13.76 12.15 -21.82
N LEU C 36 13.83 10.86 -22.09
CA LEU C 36 12.79 9.91 -21.68
C LEU C 36 13.37 8.88 -20.73
N TRP C 37 12.47 8.22 -19.99
CA TRP C 37 12.90 7.38 -18.88
C TRP C 37 13.56 6.09 -19.32
N LEU C 38 13.18 5.55 -20.48
CA LEU C 38 13.78 4.34 -20.99
C LEU C 38 14.85 4.61 -22.04
N GLY C 39 15.24 5.88 -22.22
CA GLY C 39 16.27 6.24 -23.16
C GLY C 39 15.91 5.90 -24.59
N PRO C 40 16.81 5.22 -25.29
CA PRO C 40 16.54 4.88 -26.70
C PRO C 40 15.37 3.93 -26.90
N TYR C 41 14.93 3.24 -25.84
CA TYR C 41 13.83 2.29 -25.93
C TYR C 41 12.54 2.87 -25.37
N SER C 42 12.30 4.17 -25.59
CA SER C 42 11.14 4.84 -25.04
C SER C 42 10.03 5.06 -26.06
N GLU C 43 10.31 4.88 -27.35
CA GLU C 43 9.27 5.03 -28.37
C GLU C 43 8.16 4.02 -28.12
N GLY C 44 6.97 4.52 -27.78
CA GLY C 44 5.87 3.65 -27.40
C GLY C 44 5.78 3.36 -25.92
N ALA C 45 6.74 3.80 -25.12
CA ALA C 45 6.68 3.67 -23.67
C ALA C 45 6.24 4.96 -22.99
N VAL C 46 5.79 5.94 -23.76
CA VAL C 46 5.45 7.27 -23.24
C VAL C 46 3.95 7.48 -23.42
N PRO C 47 3.20 7.74 -22.36
CA PRO C 47 1.77 8.02 -22.51
C PRO C 47 1.53 9.28 -23.33
N SER C 48 0.41 9.29 -24.05
CA SER C 48 0.10 10.42 -24.91
C SER C 48 -0.18 11.70 -24.15
N TYR C 49 -0.56 11.62 -22.88
CA TYR C 49 -0.86 12.80 -22.09
C TYR C 49 0.37 13.42 -21.45
N LEU C 50 1.52 12.76 -21.50
CA LEU C 50 2.77 13.32 -21.01
C LEU C 50 3.47 13.94 -22.22
N THR C 51 3.18 15.22 -22.47
CA THR C 51 3.67 15.91 -23.64
C THR C 51 4.91 16.74 -23.37
N GLY C 52 5.57 16.52 -22.24
CA GLY C 52 6.77 17.28 -21.92
C GLY C 52 6.52 18.74 -21.66
N GLU C 53 5.47 19.07 -20.92
CA GLU C 53 5.14 20.44 -20.57
C GLU C 53 5.61 20.83 -19.17
N PHE C 54 5.58 19.90 -18.24
CA PHE C 54 5.89 20.14 -16.85
C PHE C 54 7.28 19.63 -16.51
N PRO C 55 7.92 20.19 -15.48
CA PRO C 55 9.29 19.78 -15.16
C PRO C 55 9.38 18.30 -14.78
N GLY C 56 10.50 17.70 -15.14
CA GLY C 56 10.73 16.30 -14.83
C GLY C 56 9.93 15.32 -15.66
N ASP C 57 9.48 15.74 -16.85
CA ASP C 57 8.66 14.89 -17.70
C ASP C 57 9.58 13.97 -18.49
N TYR C 58 9.82 12.78 -17.94
CA TYR C 58 10.52 11.72 -18.64
C TYR C 58 9.56 10.71 -19.25
N GLY C 59 8.26 11.00 -19.24
CA GLY C 59 7.28 10.12 -19.82
C GLY C 59 7.12 8.79 -19.14
N TRP C 60 7.28 8.75 -17.81
CA TRP C 60 7.16 7.51 -17.04
C TRP C 60 5.84 7.53 -16.29
N ASP C 61 4.80 7.00 -16.93
CA ASP C 61 3.51 6.77 -16.28
C ASP C 61 2.98 5.40 -16.68
N SER C 62 3.82 4.38 -16.55
CA SER C 62 3.44 3.03 -16.99
C SER C 62 2.19 2.53 -16.26
N ALA C 63 1.94 3.01 -15.05
CA ALA C 63 0.77 2.59 -14.30
C ALA C 63 -0.47 3.43 -14.63
N GLY C 64 -0.32 4.50 -15.41
CA GLY C 64 -1.47 5.31 -15.79
C GLY C 64 -2.15 6.00 -14.63
N LEU C 65 -1.39 6.43 -13.62
CA LEU C 65 -1.97 7.08 -12.46
C LEU C 65 -2.19 8.56 -12.66
N SER C 66 -1.73 9.14 -13.77
CA SER C 66 -1.87 10.56 -14.04
C SER C 66 -2.56 10.81 -15.37
N ALA C 67 -3.42 9.89 -15.79
CA ALA C 67 -4.17 10.08 -17.02
C ALA C 67 -5.11 11.27 -16.93
N ASP C 68 -5.76 11.43 -15.78
CA ASP C 68 -6.65 12.56 -15.57
C ASP C 68 -5.83 13.82 -15.31
N PRO C 69 -6.07 14.91 -16.06
CA PRO C 69 -5.27 16.13 -15.84
C PRO C 69 -5.32 16.66 -14.43
N GLU C 70 -6.48 16.61 -13.77
CA GLU C 70 -6.54 17.07 -12.38
C GLU C 70 -5.76 16.14 -11.46
N THR C 71 -5.89 14.83 -11.67
CA THR C 71 -5.07 13.89 -10.92
C THR C 71 -3.59 14.08 -11.25
N PHE C 72 -3.27 14.43 -12.50
CA PHE C 72 -1.89 14.73 -12.86
C PHE C 72 -1.36 15.92 -12.09
N ALA C 73 -2.16 16.98 -11.96
CA ALA C 73 -1.73 18.15 -11.21
C ALA C 73 -1.56 17.82 -9.73
N ALA C 74 -2.49 17.05 -9.16
CA ALA C 74 -2.36 16.63 -7.77
C ALA C 74 -1.10 15.79 -7.56
N ASN C 75 -0.82 14.89 -8.50
CA ASN C 75 0.39 14.07 -8.41
C ASN C 75 1.64 14.92 -8.52
N ARG C 76 1.63 15.93 -9.39
CA ARG C 76 2.79 16.81 -9.50
C ARG C 76 3.03 17.55 -8.20
N GLU C 77 1.97 18.06 -7.59
CA GLU C 77 2.12 18.75 -6.31
C GLU C 77 2.64 17.80 -5.24
N LEU C 78 2.08 16.59 -5.17
CA LEU C 78 2.55 15.61 -4.20
C LEU C 78 4.01 15.27 -4.43
N GLU C 79 4.40 15.07 -5.68
CA GLU C 79 5.78 14.72 -6.00
C GLU C 79 6.73 15.82 -5.59
N LEU C 80 6.40 17.08 -5.90
CA LEU C 80 7.31 18.16 -5.58
C LEU C 80 7.41 18.38 -4.08
N ILE C 81 6.30 18.23 -3.35
CA ILE C 81 6.36 18.40 -1.90
C ILE C 81 7.16 17.28 -1.26
N HIS C 82 6.88 16.02 -1.65
CA HIS C 82 7.69 14.90 -1.17
C HIS C 82 9.15 15.11 -1.51
N ALA C 83 9.44 15.68 -2.69
CA ALA C 83 10.82 15.84 -3.13
C ALA C 83 11.54 16.90 -2.31
N ARG C 84 10.89 18.03 -2.05
CA ARG C 84 11.51 19.05 -1.21
C ARG C 84 11.72 18.55 0.21
N TRP C 85 10.74 17.82 0.75
CA TRP C 85 10.91 17.25 2.08
C TRP C 85 12.06 16.25 2.11
N ALA C 86 12.21 15.43 1.06
CA ALA C 86 13.30 14.48 1.01
C ALA C 86 14.65 15.17 0.82
N MET C 87 14.68 16.26 0.05
CA MET C 87 15.93 17.02 -0.09
C MET C 87 16.37 17.59 1.24
N LEU C 88 15.43 18.11 2.03
CA LEU C 88 15.78 18.51 3.39
C LEU C 88 16.20 17.31 4.23
N GLY C 89 15.49 16.19 4.08
CA GLY C 89 15.71 15.05 4.95
C GLY C 89 17.06 14.38 4.74
N THR C 90 17.53 14.34 3.49
CA THR C 90 18.83 13.73 3.23
C THR C 90 19.93 14.47 3.98
N VAL C 91 19.94 15.80 3.88
CA VAL C 91 20.93 16.59 4.61
C VAL C 91 20.72 16.45 6.10
N GLY C 92 19.46 16.45 6.55
CA GLY C 92 19.19 16.34 7.98
C GLY C 92 19.55 15.00 8.58
N CYS C 93 19.57 13.94 7.77
CA CYS C 93 19.97 12.63 8.24
C CYS C 93 21.46 12.41 8.12
N LEU C 94 22.11 13.03 7.14
CA LEU C 94 23.55 12.85 7.00
C LEU C 94 24.35 13.76 7.92
N THR C 95 23.85 14.97 8.19
CA THR C 95 24.67 15.96 8.90
C THR C 95 25.03 15.54 10.31
N PRO C 96 24.11 15.15 11.19
CA PRO C 96 24.54 14.78 12.56
C PRO C 96 25.48 13.59 12.59
N GLU C 97 25.20 12.55 11.80
CA GLU C 97 26.06 11.37 11.82
C GLU C 97 27.44 11.69 11.23
N ALA C 98 27.49 12.45 10.14
CA ALA C 98 28.78 12.83 9.58
C ALA C 98 29.56 13.71 10.54
N LEU C 99 28.88 14.62 11.24
CA LEU C 99 29.55 15.45 12.22
C LEU C 99 30.10 14.62 13.37
N GLU C 100 29.35 13.61 13.80
CA GLU C 100 29.84 12.75 14.88
C GLU C 100 31.03 11.91 14.42
N LYS C 101 30.98 11.41 13.19
CA LYS C 101 32.02 10.48 12.74
C LYS C 101 33.29 11.20 12.34
N TYR C 102 33.19 12.29 11.59
CA TYR C 102 34.34 12.97 11.03
C TYR C 102 34.56 14.37 11.60
N GLY C 103 33.74 14.82 12.55
CA GLY C 103 33.88 16.16 13.07
C GLY C 103 34.13 16.20 14.56
N GLY C 104 33.85 15.10 15.26
CA GLY C 104 34.07 15.01 16.69
C GLY C 104 32.95 15.51 17.55
N VAL C 105 31.85 15.99 16.97
CA VAL C 105 30.71 16.44 17.75
C VAL C 105 30.07 15.23 18.43
N GLU C 106 29.75 15.37 19.70
CA GLU C 106 29.22 14.26 20.51
C GLU C 106 27.71 14.45 20.67
N PHE C 107 26.95 13.89 19.74
CA PHE C 107 25.50 13.90 19.83
C PHE C 107 25.02 12.79 20.76
N GLY C 108 23.81 12.95 21.28
CA GLY C 108 23.18 11.88 22.03
C GLY C 108 22.92 10.66 21.16
N GLU C 109 22.35 10.88 19.98
CA GLU C 109 22.10 9.82 18.99
C GLU C 109 22.30 10.45 17.62
N ALA C 110 23.46 10.21 17.01
CA ALA C 110 23.77 10.84 15.73
C ALA C 110 22.98 10.20 14.59
N VAL C 111 22.77 8.88 14.64
CA VAL C 111 22.05 8.21 13.56
C VAL C 111 20.63 8.74 13.51
N TRP C 112 20.13 8.95 12.29
CA TRP C 112 18.86 9.63 12.11
C TRP C 112 17.70 8.82 12.68
N PHE C 113 17.73 7.49 12.52
CA PHE C 113 16.60 6.69 12.97
C PHE C 113 16.56 6.50 14.49
N LYS C 114 17.61 6.91 15.20
CA LYS C 114 17.60 6.93 16.65
C LYS C 114 17.57 8.33 17.22
N ALA C 115 17.57 9.36 16.37
CA ALA C 115 17.61 10.73 16.86
C ALA C 115 16.35 11.11 17.61
N GLY C 116 15.22 10.50 17.27
CA GLY C 116 13.98 10.81 17.97
C GLY C 116 14.01 10.38 19.43
N SER C 117 14.65 9.25 19.71
CA SER C 117 14.68 8.72 21.07
C SER C 117 15.59 9.49 22.00
N GLN C 118 16.21 10.58 21.53
CA GLN C 118 17.02 11.40 22.42
C GLN C 118 16.18 12.10 23.47
N ILE C 119 14.92 12.42 23.14
CA ILE C 119 14.08 13.17 24.06
C ILE C 119 13.78 12.35 25.32
N PHE C 120 13.81 11.02 25.21
CA PHE C 120 13.58 10.16 26.36
C PHE C 120 14.83 9.92 27.18
N ALA C 121 16.01 10.26 26.66
CA ALA C 121 17.23 10.03 27.39
C ALA C 121 17.37 11.03 28.54
N GLU C 122 18.18 10.65 29.53
CA GLU C 122 18.46 11.53 30.64
C GLU C 122 19.20 12.77 30.15
N GLY C 123 18.75 13.94 30.59
CA GLY C 123 19.31 15.19 30.14
C GLY C 123 18.61 15.78 28.93
N GLY C 124 17.69 15.05 28.30
CA GLY C 124 16.93 15.59 27.20
C GLY C 124 17.70 15.61 25.89
N LEU C 125 17.19 16.40 24.95
CA LEU C 125 17.74 16.52 23.62
C LEU C 125 18.50 17.84 23.52
N ASP C 126 19.83 17.76 23.43
CA ASP C 126 20.67 18.94 23.33
C ASP C 126 21.12 19.09 21.89
N TYR C 127 20.97 20.30 21.34
CA TYR C 127 21.39 20.55 19.97
C TYR C 127 22.91 20.59 19.88
N LEU C 128 23.46 19.85 18.91
CA LEU C 128 24.90 19.73 18.72
C LEU C 128 25.61 19.16 19.94
N GLY C 129 24.88 18.49 20.81
CA GLY C 129 25.45 17.96 22.03
C GLY C 129 25.72 18.99 23.11
N ASN C 130 25.42 20.27 22.86
CA ASN C 130 25.67 21.31 23.83
C ASN C 130 24.47 21.44 24.75
N PRO C 131 24.62 21.27 26.07
CA PRO C 131 23.47 21.37 26.98
C PRO C 131 22.88 22.76 27.07
N SER C 132 23.51 23.77 26.49
CA SER C 132 23.01 25.13 26.51
C SER C 132 22.27 25.52 25.24
N LEU C 133 21.99 24.56 24.36
CA LEU C 133 21.25 24.80 23.14
C LEU C 133 19.99 23.95 23.13
N VAL C 134 18.85 24.60 22.93
CA VAL C 134 17.54 23.94 22.88
C VAL C 134 17.24 23.26 24.21
N HIS C 135 17.96 22.19 24.50
CA HIS C 135 17.85 21.46 25.77
C HIS C 135 16.41 21.00 26.01
N ALA C 136 15.80 20.43 24.97
CA ALA C 136 14.42 19.98 25.07
C ALA C 136 14.29 18.83 26.06
N GLN C 137 13.18 18.82 26.79
CA GLN C 137 12.94 17.79 27.79
C GLN C 137 11.58 17.12 27.68
N SER C 138 10.60 17.74 27.03
CA SER C 138 9.25 17.18 26.93
C SER C 138 8.95 16.87 25.47
N ILE C 139 8.59 15.61 25.20
CA ILE C 139 8.20 15.25 23.84
C ILE C 139 6.84 15.83 23.50
N LEU C 140 5.95 15.96 24.48
CA LEU C 140 4.63 16.52 24.22
C LEU C 140 4.70 17.96 23.75
N ALA C 141 5.55 18.76 24.40
CA ALA C 141 5.69 20.15 23.98
C ALA C 141 6.22 20.25 22.56
N ILE C 142 7.23 19.44 22.24
CA ILE C 142 7.77 19.43 20.88
C ILE C 142 6.68 19.06 19.89
N CYS C 143 5.96 17.97 20.18
CA CYS C 143 4.97 17.46 19.24
C CYS C 143 3.88 18.49 19.00
N TRP C 144 3.34 19.09 20.05
CA TRP C 144 2.22 20.00 19.87
C TRP C 144 2.64 21.36 19.33
N THR C 145 3.82 21.85 19.70
CA THR C 145 4.33 23.05 19.06
C THR C 145 4.51 22.83 17.56
N GLN C 146 5.07 21.67 17.18
CA GLN C 146 5.19 21.36 15.77
C GLN C 146 3.83 21.25 15.11
N VAL C 147 2.86 20.65 15.79
CA VAL C 147 1.52 20.51 15.21
C VAL C 147 0.96 21.90 14.88
N VAL C 148 1.03 22.82 15.84
CA VAL C 148 0.49 24.16 15.62
C VAL C 148 1.24 24.87 14.49
N LEU C 149 2.57 24.88 14.57
CA LEU C 149 3.37 25.64 13.61
C LEU C 149 3.22 25.07 12.20
N MET C 150 3.29 23.75 12.07
CA MET C 150 3.16 23.14 10.75
C MET C 150 1.75 23.22 10.22
N GLY C 151 0.74 23.17 11.08
CA GLY C 151 -0.62 23.38 10.62
C GLY C 151 -0.80 24.76 10.03
N LEU C 152 -0.31 25.78 10.73
CA LEU C 152 -0.38 27.13 10.19
C LEU C 152 0.41 27.25 8.89
N ALA C 153 1.60 26.66 8.86
CA ALA C 153 2.46 26.77 7.67
C ALA C 153 1.82 26.10 6.46
N GLU C 154 1.24 24.92 6.63
CA GLU C 154 0.62 24.23 5.51
C GLU C 154 -0.69 24.88 5.11
N GLY C 155 -1.43 25.45 6.05
CA GLY C 155 -2.57 26.26 5.69
C GLY C 155 -2.19 27.45 4.85
N TYR C 156 -1.07 28.10 5.20
CA TYR C 156 -0.57 29.20 4.38
C TYR C 156 -0.14 28.71 3.01
N ARG C 157 0.48 27.53 2.96
CA ARG C 157 0.94 26.98 1.66
C ARG C 157 -0.27 26.78 0.78
N CYS C 158 -1.35 26.25 1.35
CA CYS C 158 -2.55 25.97 0.54
C CYS C 158 -3.28 27.25 0.14
N SER C 159 -3.41 28.20 1.06
CA SER C 159 -4.30 29.34 0.85
C SER C 159 -3.63 30.69 0.97
N GLY C 160 -2.36 30.76 1.33
CA GLY C 160 -1.77 32.07 1.51
C GLY C 160 -1.87 32.56 2.94
N GLY C 161 -0.93 33.42 3.31
CA GLY C 161 -0.86 33.92 4.66
C GLY C 161 0.03 35.14 4.79
N PRO C 162 0.79 35.20 5.89
CA PRO C 162 1.62 36.38 6.14
C PRO C 162 2.66 36.63 5.07
N LEU C 163 3.21 35.59 4.45
CA LEU C 163 4.30 35.73 3.50
C LEU C 163 3.81 35.95 2.07
N GLY C 164 2.51 35.98 1.84
CA GLY C 164 1.98 36.24 0.53
C GLY C 164 0.77 35.39 0.26
N GLU C 165 0.37 35.36 -1.00
CA GLU C 165 -0.79 34.60 -1.45
C GLU C 165 -0.34 33.40 -2.27
N ALA C 166 -1.03 32.27 -2.10
CA ALA C 166 -0.66 31.07 -2.81
C ALA C 166 -1.09 31.14 -4.27
N THR C 167 -0.41 31.99 -5.05
CA THR C 167 -0.72 32.10 -6.46
C THR C 167 -0.45 30.81 -7.20
N ASP C 168 0.64 30.13 -6.87
CA ASP C 168 0.97 28.85 -7.44
C ASP C 168 1.15 27.83 -6.32
N PRO C 169 0.57 26.63 -6.45
CA PRO C 169 0.72 25.65 -5.37
C PRO C 169 2.15 25.22 -5.11
N LEU C 170 3.02 25.28 -6.11
CA LEU C 170 4.38 24.77 -5.99
C LEU C 170 5.45 25.83 -6.13
N TYR C 171 5.20 26.91 -6.86
CA TYR C 171 6.19 27.96 -7.10
C TYR C 171 5.58 29.32 -6.78
N PRO C 172 5.31 29.58 -5.50
CA PRO C 172 4.72 30.89 -5.14
C PRO C 172 5.60 32.07 -5.49
N GLY C 173 6.92 31.93 -5.38
CA GLY C 173 7.80 33.04 -5.68
C GLY C 173 7.66 34.16 -4.67
N GLU C 174 7.91 35.37 -5.14
CA GLU C 174 7.79 36.59 -4.32
C GLU C 174 8.64 36.49 -3.06
N ALA C 175 8.02 36.14 -1.94
CA ALA C 175 8.75 36.03 -0.67
C ALA C 175 9.60 34.77 -0.60
N PHE C 176 9.30 33.76 -1.41
CA PHE C 176 10.07 32.52 -1.42
C PHE C 176 11.09 32.48 -2.54
N ASP C 177 11.25 33.58 -3.26
CA ASP C 177 12.37 33.76 -4.20
C ASP C 177 13.02 35.10 -3.93
N PRO C 178 13.60 35.29 -2.73
CA PRO C 178 14.14 36.61 -2.39
C PRO C 178 15.33 37.02 -3.24
N MET C 179 16.14 36.06 -3.70
CA MET C 179 17.31 36.37 -4.49
C MET C 179 17.00 36.58 -5.96
N GLY C 180 15.74 36.39 -6.37
CA GLY C 180 15.36 36.64 -7.75
C GLY C 180 16.05 35.74 -8.75
N MET C 181 16.23 34.46 -8.41
CA MET C 181 16.88 33.53 -9.32
C MET C 181 15.91 32.96 -10.35
N ALA C 182 14.62 33.27 -10.24
CA ALA C 182 13.61 32.77 -11.17
C ALA C 182 12.91 33.91 -11.90
N ASP C 183 13.64 34.99 -12.17
CA ASP C 183 13.08 36.14 -12.87
C ASP C 183 13.15 36.01 -14.38
N ASP C 184 13.85 35.00 -14.89
CA ASP C 184 13.96 34.76 -16.32
C ASP C 184 13.27 33.45 -16.67
N PRO C 185 12.26 33.45 -17.54
CA PRO C 185 11.46 32.23 -17.76
C PRO C 185 12.28 31.03 -18.22
N GLU C 186 13.30 31.24 -19.06
CA GLU C 186 14.12 30.13 -19.52
C GLU C 186 14.93 29.54 -18.37
N THR C 187 15.62 30.40 -17.62
CA THR C 187 16.33 29.92 -16.44
C THR C 187 15.37 29.40 -15.39
N PHE C 188 14.14 29.94 -15.35
CA PHE C 188 13.14 29.41 -14.43
C PHE C 188 12.80 27.97 -14.76
N ALA C 189 12.58 27.68 -16.04
CA ALA C 189 12.29 26.30 -16.45
C ALA C 189 13.48 25.38 -16.19
N GLU C 190 14.69 25.86 -16.50
CA GLU C 190 15.87 25.05 -16.26
C GLU C 190 16.04 24.75 -14.77
N LEU C 191 15.82 25.75 -13.91
CA LEU C 191 15.92 25.54 -12.47
C LEU C 191 14.81 24.64 -11.95
N LYS C 192 13.62 24.70 -12.55
CA LYS C 192 12.57 23.77 -12.16
C LYS C 192 12.96 22.33 -12.50
N THR C 193 13.55 22.14 -13.67
CA THR C 193 14.05 20.80 -14.02
C THR C 193 15.12 20.34 -13.04
N LYS C 194 16.06 21.23 -12.71
CA LYS C 194 17.10 20.87 -11.76
C LYS C 194 16.51 20.54 -10.40
N GLU C 195 15.53 21.32 -9.95
CA GLU C 195 14.90 21.09 -8.65
C GLU C 195 14.20 19.74 -8.62
N ILE C 196 13.41 19.44 -9.66
CA ILE C 196 12.68 18.18 -9.64
C ILE C 196 13.65 17.00 -9.75
N LYS C 197 14.75 17.14 -10.49
CA LYS C 197 15.68 16.03 -10.61
C LYS C 197 16.43 15.79 -9.30
N ASN C 198 16.96 16.85 -8.68
CA ASN C 198 17.62 16.69 -7.39
C ASN C 198 16.63 16.16 -6.35
N GLY C 199 15.37 16.59 -6.42
CA GLY C 199 14.38 16.11 -5.48
C GLY C 199 14.04 14.65 -5.66
N ARG C 200 13.93 14.20 -6.91
CA ARG C 200 13.70 12.78 -7.16
C ARG C 200 14.88 11.94 -6.69
N LEU C 201 16.10 12.43 -6.92
CA LEU C 201 17.28 11.75 -6.41
C LEU C 201 17.26 11.68 -4.89
N ALA C 202 16.84 12.76 -4.24
CA ALA C 202 16.79 12.78 -2.78
C ALA C 202 15.71 11.85 -2.25
N MET C 203 14.57 11.75 -2.94
CA MET C 203 13.55 10.79 -2.54
C MET C 203 14.05 9.36 -2.70
N PHE C 204 14.75 9.08 -3.79
CA PHE C 204 15.37 7.77 -3.96
C PHE C 204 16.35 7.47 -2.84
N ALA C 205 17.16 8.47 -2.47
CA ALA C 205 18.13 8.30 -1.40
C ALA C 205 17.46 8.14 -0.04
N MET C 206 16.32 8.80 0.19
CA MET C 206 15.62 8.64 1.44
C MET C 206 14.98 7.27 1.55
N PHE C 207 14.44 6.75 0.44
CA PHE C 207 13.98 5.37 0.43
C PHE C 207 15.14 4.42 0.71
N GLY C 208 16.31 4.72 0.14
CA GLY C 208 17.49 3.95 0.46
C GLY C 208 17.86 4.01 1.93
N PHE C 209 17.76 5.20 2.53
CA PHE C 209 18.03 5.35 3.96
C PHE C 209 17.08 4.49 4.78
N PHE C 210 15.78 4.53 4.43
CA PHE C 210 14.79 3.72 5.13
C PHE C 210 15.15 2.25 5.07
N VAL C 211 15.39 1.74 3.85
CA VAL C 211 15.62 0.31 3.68
C VAL C 211 16.95 -0.11 4.31
N GLN C 212 17.97 0.75 4.23
CA GLN C 212 19.25 0.42 4.83
C GLN C 212 19.17 0.42 6.36
N SER C 213 18.42 1.35 6.94
CA SER C 213 18.22 1.33 8.38
C SER C 213 17.48 0.07 8.80
N LEU C 214 16.45 -0.32 8.02
CA LEU C 214 15.72 -1.54 8.36
C LEU C 214 16.61 -2.76 8.25
N GLN C 215 17.44 -2.84 7.21
CA GLN C 215 18.20 -4.05 6.92
C GLN C 215 19.46 -4.14 7.77
N THR C 216 20.38 -3.18 7.58
CA THR C 216 21.66 -3.23 8.28
C THR C 216 21.54 -2.81 9.74
N GLY C 217 20.66 -1.85 10.04
CA GLY C 217 20.54 -1.35 11.39
C GLY C 217 21.54 -0.28 11.76
N LYS C 218 22.27 0.27 10.79
CA LYS C 218 23.25 1.32 11.05
C LYS C 218 22.99 2.49 10.11
N GLY C 219 23.50 3.65 10.50
CA GLY C 219 23.24 4.88 9.79
C GLY C 219 23.85 4.90 8.39
N PRO C 220 23.34 5.79 7.54
CA PRO C 220 23.84 5.86 6.16
C PRO C 220 25.33 6.16 6.06
N VAL C 221 25.87 6.98 6.95
CA VAL C 221 27.29 7.28 6.89
C VAL C 221 28.11 6.03 7.23
N GLU C 222 27.67 5.25 8.21
CA GLU C 222 28.36 4.01 8.52
C GLU C 222 28.30 3.04 7.35
N CYS C 223 27.13 2.92 6.71
CA CYS C 223 27.00 2.05 5.55
C CYS C 223 27.94 2.49 4.44
N TRP C 224 28.00 3.79 4.18
CA TRP C 224 28.88 4.30 3.12
C TRP C 224 30.34 4.05 3.45
N ALA C 225 30.73 4.26 4.71
CA ALA C 225 32.10 4.01 5.09
C ALA C 225 32.46 2.54 5.01
N GLU C 226 31.47 1.66 5.20
CA GLU C 226 31.75 0.23 5.08
C GLU C 226 31.83 -0.22 3.63
N HIS C 227 30.97 0.32 2.75
CA HIS C 227 31.02 -0.08 1.34
C HIS C 227 32.35 0.31 0.72
N ILE C 228 32.85 1.51 1.04
CA ILE C 228 34.12 1.95 0.46
C ILE C 228 35.32 1.23 1.06
N ALA C 229 35.14 0.52 2.17
CA ALA C 229 36.25 -0.23 2.76
C ALA C 229 36.44 -1.57 2.06
N ASP C 230 35.41 -2.42 2.09
CA ASP C 230 35.42 -3.72 1.42
C ASP C 230 34.15 -3.82 0.58
N PRO C 231 34.16 -3.25 -0.63
CA PRO C 231 32.92 -3.20 -1.43
C PRO C 231 32.34 -4.58 -1.74
N VAL C 232 33.18 -5.57 -2.00
CA VAL C 232 32.67 -6.88 -2.36
C VAL C 232 32.04 -7.57 -1.16
N ALA C 233 32.68 -7.50 0.01
CA ALA C 233 32.20 -8.19 1.19
C ALA C 233 31.17 -7.42 1.98
N ASN C 234 31.01 -6.12 1.72
CA ASN C 234 30.09 -5.27 2.47
C ASN C 234 29.04 -4.66 1.56
N ASN C 235 28.51 -5.45 0.63
CA ASN C 235 27.47 -4.99 -0.26
C ASN C 235 26.10 -5.21 0.40
N GLY C 236 25.04 -5.04 -0.37
CA GLY C 236 23.70 -5.17 0.19
C GLY C 236 23.16 -6.57 0.29
N PHE C 237 23.82 -7.55 -0.32
CA PHE C 237 23.34 -8.93 -0.28
C PHE C 237 23.77 -9.66 0.98
N VAL C 238 24.63 -9.05 1.80
CA VAL C 238 25.00 -9.67 3.07
C VAL C 238 23.78 -9.83 3.97
N TYR C 239 22.88 -8.84 3.93
CA TYR C 239 21.67 -8.85 4.72
C TYR C 239 20.44 -9.22 3.90
N ALA C 240 20.63 -9.91 2.79
CA ALA C 240 19.51 -10.24 1.91
C ALA C 240 18.57 -11.27 2.51
N THR C 241 19.02 -12.03 3.51
CA THR C 241 18.18 -13.06 4.10
C THR C 241 17.09 -12.49 5.00
N LYS C 242 17.12 -11.19 5.29
CA LYS C 242 16.13 -10.56 6.14
C LYS C 242 15.14 -9.76 5.30
N PHE C 243 13.85 -9.91 5.62
CA PHE C 243 12.79 -9.17 4.93
C PHE C 243 12.55 -7.87 5.68
N PHE C 244 13.23 -6.81 5.24
CA PHE C 244 13.14 -5.49 5.87
C PHE C 244 13.47 -5.57 7.36
N GLY C 245 14.55 -6.30 7.67
CA GLY C 245 15.03 -6.42 9.03
C GLY C 245 14.52 -7.61 9.80
N ALA C 246 13.54 -8.33 9.27
CA ALA C 246 12.96 -9.49 9.95
C ALA C 246 13.58 -10.76 9.38
N GLN C 247 14.18 -11.57 10.23
CA GLN C 247 14.73 -12.87 9.84
C GLN C 247 13.61 -13.89 9.90
N ILE C 248 12.74 -13.84 8.89
CA ILE C 248 11.57 -14.71 8.86
C ILE C 248 11.98 -16.16 8.61
N PHE C 249 12.90 -16.38 7.66
CA PHE C 249 13.30 -17.73 7.29
C PHE C 249 14.68 -18.06 7.84
#